data_6J2J
#
_entry.id   6J2J
#
_cell.length_a   101.035
_cell.length_b   102.714
_cell.length_c   177.674
_cell.angle_alpha   90.00
_cell.angle_beta   90.00
_cell.angle_gamma   90.00
#
_symmetry.space_group_name_H-M   'C 2 2 21'
#
loop_
_entity.id
_entity.type
_entity.pdbx_description
1 polymer Ptal-N*01:01
2 polymer Beta-2-microglobulin
3 polymer MERS-CoV-S3
4 water water
#
loop_
_entity_poly.entity_id
_entity_poly.type
_entity_poly.pdbx_seq_one_letter_code
_entity_poly.pdbx_strand_id
1 'polypeptide(L)'
;GFHSLRYFYTAWSRPGSGEPRFVAVGYVDDTQFVRFDSDNASPRAEPRAPWMDLVEQQDPQYWDRNTRNARDAAQTYRVG
LDNVRGYYNQSEAGSHTIQRMYGCDVGPHGRLLRGYDQLAYDGADYIALNEDLRSWTAADLAAQNTRRKWEEAGYAERDR
AYLEGECVEWLLKHLENGRETLLRADPPKTHITHHPISDREVTLRCWALGFYPEEITLTWQHDGEDQTQEMELVETRPDG
NGAFQKWAALVVPSGEEQRYTCHVQHEGLPQPLTLRW
;
A,D
2 'polypeptide(L)'
;IQRTPKIQVYSRHPAENGKSNFLNCYVSGFHPSDIEVDLLKNGERIEKVEHSDLSFSKDWSFYLLYYTEFTPTEKDEYAC
RVNHVTLSQPKIVKWDRDM
;
B,E
3 'polypeptide(L)' DFTCSQISP C,F
#
# COMPACT_ATOMS: atom_id res chain seq x y z
N GLY A 1 10.19 3.39 35.78
CA GLY A 1 10.63 3.72 34.43
C GLY A 1 11.68 2.77 33.86
N PHE A 2 11.94 2.81 32.55
CA PHE A 2 12.87 1.87 31.92
C PHE A 2 13.73 2.56 30.89
N HIS A 3 14.84 1.90 30.53
CA HIS A 3 15.78 2.41 29.54
C HIS A 3 16.34 1.25 28.75
N SER A 4 16.96 1.57 27.62
CA SER A 4 17.38 0.53 26.70
C SER A 4 18.64 0.96 25.98
N LEU A 5 19.59 0.02 25.87
CA LEU A 5 20.76 0.14 25.02
C LEU A 5 20.57 -0.76 23.82
N ARG A 6 20.76 -0.22 22.62
CA ARG A 6 20.57 -1.02 21.40
C ARG A 6 21.68 -0.81 20.38
N TYR A 7 21.82 -1.80 19.49
CA TYR A 7 22.83 -1.76 18.43
C TYR A 7 22.20 -2.19 17.11
N PHE A 8 22.28 -1.32 16.11
CA PHE A 8 21.71 -1.61 14.83
C PHE A 8 22.79 -1.80 13.79
N TYR A 9 22.81 -2.95 13.16
CA TYR A 9 23.77 -3.29 12.15
C TYR A 9 23.10 -3.37 10.81
N THR A 10 23.71 -2.87 9.77
CA THR A 10 23.16 -3.02 8.43
C THR A 10 24.23 -3.44 7.50
N ALA A 11 24.03 -4.51 6.81
CA ALA A 11 25.06 -5.03 5.92
C ALA A 11 24.39 -5.33 4.60
N TRP A 12 24.98 -4.88 3.50
CA TRP A 12 24.33 -5.17 2.23
C TRP A 12 25.33 -5.23 1.07
N SER A 13 25.06 -6.12 0.12
CA SER A 13 25.91 -6.28 -1.05
C SER A 13 25.59 -5.21 -2.09
N ARG A 14 26.59 -4.88 -2.90
CA ARG A 14 26.47 -3.87 -3.95
C ARG A 14 27.07 -4.44 -5.23
N PRO A 15 26.42 -5.43 -5.83
CA PRO A 15 26.96 -6.05 -7.04
C PRO A 15 27.35 -5.04 -8.11
N GLY A 16 28.61 -5.09 -8.53
CA GLY A 16 29.14 -4.13 -9.48
C GLY A 16 29.86 -2.99 -8.78
N SER A 17 29.16 -2.26 -7.92
CA SER A 17 29.69 -1.04 -7.32
C SER A 17 30.65 -1.29 -6.16
N GLY A 18 31.27 -2.47 -6.07
CA GLY A 18 32.24 -2.73 -5.04
C GLY A 18 31.76 -3.73 -4.01
N GLU A 19 32.51 -3.82 -2.92
CA GLU A 19 32.30 -4.81 -1.88
C GLU A 19 31.13 -4.44 -0.97
N PRO A 20 30.65 -5.38 -0.16
CA PRO A 20 29.49 -5.09 0.69
C PRO A 20 29.81 -4.04 1.75
N ARG A 21 28.79 -3.27 2.11
CA ARG A 21 28.92 -2.21 3.08
C ARG A 21 28.27 -2.61 4.41
N PHE A 22 28.86 -2.13 5.49
CA PHE A 22 28.41 -2.45 6.83
C PHE A 22 28.37 -1.15 7.62
N VAL A 23 27.16 -0.75 8.03
CA VAL A 23 26.97 0.42 8.86
C VAL A 23 26.29 -0.03 10.14
N ALA A 24 26.88 0.32 11.27
CA ALA A 24 26.32 0.03 12.58
C ALA A 24 26.15 1.33 13.35
N VAL A 25 25.08 1.40 14.13
CA VAL A 25 24.81 2.54 15.00
C VAL A 25 24.33 2.01 16.34
N GLY A 26 24.49 2.82 17.37
CA GLY A 26 24.05 2.46 18.71
C GLY A 26 23.20 3.56 19.29
N TYR A 27 22.20 3.16 20.08
CA TYR A 27 21.27 4.10 20.70
C TYR A 27 21.09 3.81 22.18
N VAL A 28 20.87 4.86 22.96
CA VAL A 28 20.32 4.74 24.32
C VAL A 28 18.95 5.43 24.29
N ASP A 29 17.91 4.67 24.62
CA ASP A 29 16.56 5.20 24.64
C ASP A 29 16.13 5.64 23.24
N ASP A 30 16.20 6.94 22.98
CA ASP A 30 15.81 7.49 21.69
C ASP A 30 16.81 8.54 21.22
N THR A 31 18.09 8.18 21.24
CA THR A 31 19.15 9.08 20.82
C THR A 31 20.43 8.32 20.51
N GLN A 32 20.92 8.45 19.27
CA GLN A 32 22.14 7.78 18.86
C GLN A 32 23.36 8.34 19.59
N PHE A 33 24.36 7.50 19.78
CA PHE A 33 25.58 7.91 20.47
C PHE A 33 26.86 7.43 19.82
N VAL A 34 26.81 6.50 18.84
CA VAL A 34 27.99 5.96 18.18
C VAL A 34 27.63 5.50 16.78
N ARG A 35 28.65 5.38 15.92
CA ARG A 35 28.46 4.93 14.54
C ARG A 35 29.70 4.21 14.04
N PHE A 36 29.54 3.46 12.95
CA PHE A 36 30.68 2.84 12.30
C PHE A 36 30.32 2.56 10.85
N ASP A 37 31.16 3.02 9.93
CA ASP A 37 30.88 2.96 8.50
C ASP A 37 32.03 2.25 7.82
N SER A 38 31.74 1.11 7.18
CA SER A 38 32.83 0.30 6.63
C SER A 38 33.47 0.97 5.42
N ASP A 39 32.74 1.81 4.70
CA ASP A 39 33.34 2.56 3.59
C ASP A 39 34.33 3.64 4.05
N ASN A 40 34.78 3.77 5.28
CA ASN A 40 35.89 4.66 5.57
C ASN A 40 37.21 3.93 5.34
N ALA A 41 38.26 4.71 5.10
CA ALA A 41 39.56 4.18 4.72
C ALA A 41 40.08 3.21 5.76
N SER A 42 40.33 3.69 6.98
CA SER A 42 40.66 2.83 8.12
C SER A 42 39.55 3.04 9.15
N PRO A 43 38.43 2.36 9.00
CA PRO A 43 37.21 2.74 9.73
C PRO A 43 37.31 2.45 11.22
N ARG A 44 36.85 3.41 12.03
CA ARG A 44 36.79 3.29 13.48
C ARG A 44 35.41 3.68 14.01
N ALA A 45 35.03 3.11 15.14
CA ALA A 45 33.80 3.57 15.78
C ALA A 45 33.97 5.03 16.18
N GLU A 46 32.89 5.81 16.06
CA GLU A 46 33.03 7.22 16.39
C GLU A 46 31.93 7.67 17.34
N PRO A 47 32.21 8.68 18.17
CA PRO A 47 31.17 9.20 19.06
C PRO A 47 30.14 10.00 18.28
N ARG A 48 28.88 9.91 18.70
CA ARG A 48 27.85 10.68 18.01
C ARG A 48 26.94 11.38 19.03
N ALA A 49 27.43 11.57 20.23
CA ALA A 49 26.73 12.18 21.34
C ALA A 49 27.75 12.91 22.19
N PRO A 50 27.48 14.17 22.57
CA PRO A 50 28.49 14.96 23.30
C PRO A 50 28.96 14.27 24.57
N TRP A 51 28.07 13.58 25.29
CA TRP A 51 28.49 12.92 26.53
C TRP A 51 29.49 11.80 26.29
N MET A 52 29.71 11.38 25.04
CA MET A 52 30.66 10.32 24.76
C MET A 52 32.09 10.84 24.70
N ASP A 53 32.29 12.16 24.75
CA ASP A 53 33.64 12.68 24.80
C ASP A 53 34.37 12.23 26.07
N LEU A 54 33.67 12.23 27.20
CA LEU A 54 34.31 11.76 28.43
C LEU A 54 34.26 10.25 28.58
N VAL A 55 34.15 9.47 27.50
CA VAL A 55 34.13 8.03 27.69
C VAL A 55 35.54 7.47 27.83
N GLU A 56 36.52 8.12 27.18
CA GLU A 56 37.89 7.61 27.20
C GLU A 56 38.48 7.62 28.59
N GLN A 57 38.17 8.65 29.40
CA GLN A 57 38.78 8.74 30.72
C GLN A 57 38.22 7.69 31.67
N GLN A 58 36.97 7.26 31.49
CA GLN A 58 36.53 6.10 32.26
C GLN A 58 37.13 4.82 31.72
N ASP A 59 37.37 4.78 30.41
CA ASP A 59 37.95 3.61 29.76
C ASP A 59 38.39 3.94 28.34
N PRO A 60 39.60 4.45 28.20
CA PRO A 60 40.14 4.80 26.89
C PRO A 60 40.05 3.66 25.89
N GLN A 61 40.40 2.45 26.33
CA GLN A 61 40.35 1.28 25.46
C GLN A 61 39.01 1.17 24.75
N TYR A 62 38.00 1.89 25.23
CA TYR A 62 36.68 1.85 24.61
C TYR A 62 36.77 1.87 23.08
N TRP A 63 37.41 2.90 22.53
CA TRP A 63 37.34 3.10 21.09
C TRP A 63 38.07 2.01 20.33
N ASP A 64 39.22 1.54 20.85
CA ASP A 64 39.92 0.45 20.18
C ASP A 64 39.13 -0.85 20.30
N ARG A 65 38.66 -1.13 21.52
CA ARG A 65 37.88 -2.34 21.77
C ARG A 65 36.65 -2.37 20.87
N ASN A 66 36.03 -1.20 20.69
CA ASN A 66 34.85 -1.08 19.85
C ASN A 66 35.19 -1.24 18.37
N THR A 67 36.18 -0.47 17.92
CA THR A 67 36.62 -0.53 16.53
C THR A 67 36.94 -1.96 16.11
N ARG A 68 37.65 -2.70 16.97
CA ARG A 68 37.95 -4.09 16.65
C ARG A 68 36.66 -4.89 16.48
N ASN A 69 35.70 -4.71 17.38
CA ASN A 69 34.43 -5.41 17.28
C ASN A 69 33.68 -5.04 16.01
N ALA A 70 33.63 -3.75 15.69
CA ALA A 70 32.92 -3.31 14.50
C ALA A 70 33.56 -3.90 13.25
N ARG A 71 34.89 -3.83 13.15
CA ARG A 71 35.58 -4.44 12.02
C ARG A 71 35.27 -5.93 11.90
N ASP A 72 35.24 -6.65 13.02
CA ASP A 72 34.99 -8.09 12.95
C ASP A 72 33.56 -8.37 12.54
N ALA A 73 32.62 -7.66 13.17
CA ALA A 73 31.22 -7.71 12.75
C ALA A 73 31.12 -7.49 11.26
N ALA A 74 31.75 -6.41 10.77
CA ALA A 74 31.78 -6.11 9.35
C ALA A 74 32.16 -7.34 8.52
N GLN A 75 33.18 -8.08 8.94
CA GLN A 75 33.61 -9.26 8.21
C GLN A 75 32.58 -10.39 8.33
N THR A 76 32.08 -10.61 9.54
CA THR A 76 31.12 -11.69 9.78
C THR A 76 29.90 -11.57 8.88
N TYR A 77 29.40 -10.34 8.67
CA TYR A 77 28.20 -10.15 7.86
C TYR A 77 28.49 -10.10 6.38
N ARG A 78 29.71 -9.72 5.97
CA ARG A 78 30.09 -9.96 4.59
C ARG A 78 30.00 -11.43 4.25
N VAL A 79 30.61 -12.28 5.07
CA VAL A 79 30.52 -13.71 4.85
C VAL A 79 29.07 -14.18 4.95
N GLY A 80 28.33 -13.64 5.92
CA GLY A 80 26.93 -14.02 6.06
C GLY A 80 26.13 -13.78 4.79
N LEU A 81 26.26 -12.57 4.20
CA LEU A 81 25.55 -12.26 2.97
C LEU A 81 25.73 -13.38 1.94
N ASP A 82 26.96 -13.90 1.83
CA ASP A 82 27.26 -14.94 0.85
C ASP A 82 26.62 -16.27 1.20
N ASN A 83 26.64 -16.65 2.48
CA ASN A 83 26.02 -17.92 2.83
C ASN A 83 24.53 -17.85 2.67
N VAL A 84 23.90 -16.77 3.13
CA VAL A 84 22.44 -16.67 3.05
C VAL A 84 22.00 -16.70 1.59
N ARG A 85 22.60 -15.85 0.76
CA ARG A 85 22.30 -15.88 -0.67
C ARG A 85 22.49 -17.28 -1.23
N GLY A 86 23.56 -17.96 -0.79
CA GLY A 86 23.77 -19.34 -1.18
C GLY A 86 22.64 -20.26 -0.74
N TYR A 87 22.18 -20.14 0.52
CA TYR A 87 21.07 -20.98 0.96
C TYR A 87 19.90 -20.88 0.00
N TYR A 88 19.61 -19.66 -0.46
CA TYR A 88 18.49 -19.40 -1.34
C TYR A 88 18.83 -19.61 -2.81
N ASN A 89 20.10 -19.83 -3.13
CA ASN A 89 20.56 -19.82 -4.51
C ASN A 89 20.00 -18.58 -5.22
N GLN A 90 20.41 -17.40 -4.80
CA GLN A 90 20.02 -16.18 -5.49
C GLN A 90 21.17 -15.70 -6.36
N SER A 91 20.83 -15.16 -7.53
CA SER A 91 21.85 -14.64 -8.42
C SER A 91 22.69 -13.59 -7.72
N GLU A 92 24.02 -13.65 -7.91
CA GLU A 92 24.92 -12.67 -7.33
C GLU A 92 24.70 -11.26 -7.87
N ALA A 93 23.88 -11.10 -8.91
CA ALA A 93 23.69 -9.79 -9.50
C ALA A 93 22.74 -8.92 -8.69
N GLY A 94 21.95 -9.53 -7.81
CA GLY A 94 21.00 -8.79 -7.01
C GLY A 94 21.63 -8.37 -5.70
N SER A 95 21.37 -7.13 -5.30
CA SER A 95 21.75 -6.66 -3.98
C SER A 95 20.88 -7.33 -2.92
N HIS A 96 21.46 -7.61 -1.75
CA HIS A 96 20.72 -8.20 -0.64
C HIS A 96 21.25 -7.60 0.66
N THR A 97 20.41 -7.64 1.71
CA THR A 97 20.66 -6.94 2.96
C THR A 97 20.49 -7.89 4.13
N ILE A 98 21.45 -7.87 5.07
CA ILE A 98 21.29 -8.52 6.37
C ILE A 98 21.27 -7.42 7.42
N GLN A 99 20.27 -7.45 8.30
CA GLN A 99 20.15 -6.45 9.35
C GLN A 99 20.54 -7.03 10.71
N ARG A 100 20.42 -6.30 11.78
CA ARG A 100 20.63 -6.79 13.11
C ARG A 100 20.25 -5.73 14.06
N MET A 101 19.61 -6.15 15.11
CA MET A 101 19.04 -5.32 16.16
C MET A 101 19.11 -6.04 17.51
N TYR A 102 20.20 -5.81 18.25
CA TYR A 102 20.38 -6.43 19.55
C TYR A 102 20.62 -5.38 20.63
N GLY A 103 20.22 -5.70 21.86
CA GLY A 103 20.38 -4.78 22.97
C GLY A 103 19.77 -5.32 24.25
N CYS A 104 19.45 -4.40 25.16
CA CYS A 104 18.85 -4.78 26.43
C CYS A 104 18.00 -3.64 26.98
N ASP A 105 16.90 -4.01 27.66
CA ASP A 105 16.04 -3.10 28.40
C ASP A 105 16.34 -3.31 29.88
N VAL A 106 16.65 -2.21 30.61
CA VAL A 106 16.79 -2.27 32.05
C VAL A 106 15.79 -1.30 32.69
N GLY A 107 15.47 -1.56 33.97
CA GLY A 107 14.37 -0.91 34.66
C GLY A 107 14.82 -0.20 35.91
N PRO A 108 13.87 0.33 36.69
CA PRO A 108 14.26 1.16 37.85
C PRO A 108 15.20 0.42 38.75
N HIS A 109 15.08 -0.90 38.77
CA HIS A 109 15.93 -1.82 39.49
C HIS A 109 17.37 -1.84 38.99
N GLY A 110 17.65 -1.28 37.82
CA GLY A 110 18.99 -1.41 37.24
C GLY A 110 19.33 -2.86 36.91
N ARG A 111 18.33 -3.70 36.84
CA ARG A 111 18.52 -5.05 36.34
C ARG A 111 17.80 -5.16 35.01
N LEU A 112 18.27 -6.10 34.19
CA LEU A 112 17.66 -6.38 32.89
C LEU A 112 16.15 -6.52 32.99
N LEU A 113 15.49 -6.42 31.86
CA LEU A 113 14.09 -6.80 31.78
C LEU A 113 13.79 -7.61 30.53
N ARG A 114 14.35 -7.20 29.40
CA ARG A 114 14.33 -8.01 28.20
C ARG A 114 15.68 -7.87 27.50
N GLY A 115 16.23 -8.99 27.09
CA GLY A 115 17.32 -9.01 26.14
C GLY A 115 16.75 -9.41 24.79
N TYR A 116 17.49 -9.08 23.73
CA TYR A 116 17.04 -9.47 22.41
C TYR A 116 18.19 -9.39 21.43
N ASP A 117 18.11 -10.22 20.39
CA ASP A 117 19.07 -10.30 19.29
C ASP A 117 18.25 -10.81 18.13
N GLN A 118 18.01 -9.96 17.12
CA GLN A 118 17.15 -10.38 16.01
C GLN A 118 17.76 -9.99 14.68
N LEU A 119 17.51 -10.83 13.68
CA LEU A 119 18.07 -10.63 12.35
C LEU A 119 16.95 -10.65 11.32
N ALA A 120 17.07 -9.76 10.34
CA ALA A 120 16.23 -9.75 9.16
C ALA A 120 17.09 -9.96 7.95
N TYR A 121 16.51 -10.52 6.91
CA TYR A 121 17.19 -10.67 5.63
C TYR A 121 16.30 -10.12 4.56
N ASP A 122 16.86 -9.26 3.70
CA ASP A 122 16.06 -8.51 2.73
C ASP A 122 14.79 -7.96 3.37
N GLY A 123 14.94 -7.42 4.59
CA GLY A 123 13.90 -6.69 5.25
C GLY A 123 12.75 -7.51 5.79
N ALA A 124 12.91 -8.84 5.89
CA ALA A 124 11.92 -9.69 6.56
C ALA A 124 12.59 -10.45 7.69
N ASP A 125 11.82 -10.79 8.72
CA ASP A 125 12.33 -11.59 9.84
C ASP A 125 13.06 -12.83 9.32
N TYR A 126 14.26 -13.07 9.85
CA TYR A 126 15.07 -14.22 9.45
C TYR A 126 15.32 -15.17 10.61
N ILE A 127 15.95 -14.70 11.68
CA ILE A 127 16.21 -15.53 12.85
C ILE A 127 16.31 -14.61 14.06
N ALA A 128 15.86 -15.09 15.22
CA ALA A 128 15.87 -14.27 16.42
C ALA A 128 16.15 -15.13 17.64
N LEU A 129 16.77 -14.50 18.64
CA LEU A 129 17.00 -15.15 19.91
C LEU A 129 15.67 -15.24 20.65
N ASN A 130 15.35 -16.43 21.14
CA ASN A 130 14.11 -16.57 21.88
C ASN A 130 14.22 -15.84 23.21
N GLU A 131 13.07 -15.63 23.86
CA GLU A 131 13.13 -14.88 25.10
C GLU A 131 13.87 -15.64 26.19
N ASP A 132 14.02 -16.98 26.06
CA ASP A 132 14.76 -17.73 27.06
C ASP A 132 16.28 -17.51 26.97
N LEU A 133 16.75 -16.81 25.92
CA LEU A 133 18.17 -16.54 25.69
C LEU A 133 18.98 -17.83 25.45
N ARG A 134 18.31 -18.89 25.00
CA ARG A 134 19.02 -20.15 24.72
C ARG A 134 18.64 -20.81 23.41
N SER A 135 17.44 -20.65 22.88
CA SER A 135 17.10 -21.20 21.58
C SER A 135 16.90 -20.08 20.56
N TRP A 136 16.78 -20.48 19.29
CA TRP A 136 16.59 -19.57 18.17
C TRP A 136 15.32 -19.93 17.41
N THR A 137 14.61 -18.93 16.94
CA THR A 137 13.42 -19.13 16.11
C THR A 137 13.77 -18.75 14.66
N ALA A 138 13.80 -19.75 13.78
CA ALA A 138 14.20 -19.58 12.38
C ALA A 138 12.96 -19.43 11.51
N ALA A 139 12.96 -18.43 10.64
CA ALA A 139 11.75 -18.01 9.95
C ALA A 139 11.37 -18.88 8.74
N ASP A 140 12.30 -19.69 8.23
CA ASP A 140 12.13 -20.41 6.97
C ASP A 140 13.15 -21.54 6.96
N LEU A 141 13.19 -22.28 5.84
CA LEU A 141 14.15 -23.39 5.76
C LEU A 141 15.58 -22.89 5.76
N ALA A 142 15.86 -21.81 5.03
CA ALA A 142 17.23 -21.33 4.95
C ALA A 142 17.75 -20.85 6.31
N ALA A 143 16.86 -20.41 7.20
CA ALA A 143 17.30 -19.93 8.49
C ALA A 143 17.53 -21.06 9.48
N GLN A 144 16.97 -22.26 9.23
CA GLN A 144 17.38 -23.43 10.03
C GLN A 144 18.87 -23.66 9.90
N ASN A 145 19.41 -23.51 8.70
CA ASN A 145 20.85 -23.63 8.52
C ASN A 145 21.60 -22.69 9.47
N THR A 146 21.25 -21.40 9.43
CA THR A 146 21.86 -20.44 10.35
C THR A 146 21.69 -20.87 11.79
N ARG A 147 20.50 -21.36 12.13
CA ARG A 147 20.27 -21.75 13.52
C ARG A 147 21.20 -22.90 13.91
N ARG A 148 21.29 -23.93 13.06
CA ARG A 148 22.07 -25.11 13.40
C ARG A 148 23.55 -24.74 13.62
N LYS A 149 24.14 -23.96 12.71
CA LYS A 149 25.53 -23.54 12.95
C LYS A 149 25.65 -22.71 14.22
N TRP A 150 24.64 -21.88 14.48
CA TRP A 150 24.69 -21.06 15.68
C TRP A 150 24.45 -21.88 16.92
N GLU A 151 23.54 -22.85 16.84
CA GLU A 151 23.40 -23.81 17.91
C GLU A 151 24.75 -24.46 18.21
N GLU A 152 25.41 -25.00 17.18
CA GLU A 152 26.64 -25.77 17.38
C GLU A 152 27.79 -24.89 17.86
N ALA A 153 27.88 -23.66 17.36
CA ALA A 153 28.88 -22.72 17.82
C ALA A 153 28.59 -22.14 19.21
N GLY A 154 27.44 -22.46 19.83
CA GLY A 154 27.14 -21.95 21.15
C GLY A 154 26.86 -20.46 21.20
N TYR A 155 26.25 -19.89 20.17
CA TYR A 155 26.12 -18.43 20.09
C TYR A 155 25.05 -17.89 21.02
N ALA A 156 23.98 -18.65 21.25
CA ALA A 156 22.98 -18.23 22.23
C ALA A 156 23.62 -17.96 23.59
N GLU A 157 24.48 -18.86 24.05
CA GLU A 157 25.11 -18.66 25.36
C GLU A 157 26.02 -17.43 25.34
N ARG A 158 26.69 -17.21 24.21
CA ARG A 158 27.53 -16.02 24.07
C ARG A 158 26.64 -14.78 24.20
N ASP A 159 25.46 -14.82 23.59
CA ASP A 159 24.52 -13.71 23.65
C ASP A 159 24.01 -13.49 25.08
N ARG A 160 23.42 -14.52 25.68
CA ARG A 160 22.92 -14.42 27.05
C ARG A 160 23.93 -13.77 27.99
N ALA A 161 25.19 -14.20 27.90
CA ALA A 161 26.22 -13.68 28.79
C ALA A 161 26.41 -12.18 28.57
N TYR A 162 26.42 -11.76 27.31
CA TYR A 162 26.57 -10.35 27.01
C TYR A 162 25.34 -9.56 27.48
N LEU A 163 24.15 -10.02 27.05
CA LEU A 163 22.90 -9.32 27.33
C LEU A 163 22.68 -9.14 28.81
N GLU A 164 23.10 -10.12 29.62
CA GLU A 164 22.84 -10.10 31.07
C GLU A 164 23.98 -9.52 31.89
N GLY A 165 25.07 -9.08 31.26
CA GLY A 165 26.15 -8.46 32.00
C GLY A 165 26.63 -7.15 31.40
N GLU A 166 27.54 -7.25 30.44
CA GLU A 166 28.12 -6.10 29.77
C GLU A 166 27.06 -5.11 29.31
N CYS A 167 26.04 -5.61 28.61
CA CYS A 167 24.99 -4.74 28.10
C CYS A 167 24.37 -3.91 29.22
N VAL A 168 23.94 -4.59 30.30
CA VAL A 168 23.38 -3.88 31.45
C VAL A 168 24.38 -2.90 32.03
N GLU A 169 25.63 -3.33 32.22
CA GLU A 169 26.63 -2.47 32.85
C GLU A 169 26.84 -1.20 32.05
N TRP A 170 26.88 -1.32 30.73
CA TRP A 170 27.15 -0.16 29.89
C TRP A 170 25.93 0.74 29.76
N LEU A 171 24.74 0.15 29.63
CA LEU A 171 23.54 0.97 29.65
C LEU A 171 23.52 1.86 30.89
N LEU A 172 24.03 1.35 32.02
CA LEU A 172 24.03 2.14 33.26
C LEU A 172 25.11 3.22 33.21
N LYS A 173 26.31 2.88 32.72
CA LYS A 173 27.35 3.89 32.52
C LYS A 173 26.84 5.03 31.65
N HIS A 174 26.31 4.69 30.46
CA HIS A 174 25.82 5.72 29.55
C HIS A 174 24.77 6.60 30.22
N LEU A 175 23.81 6.01 30.93
CA LEU A 175 22.80 6.83 31.60
C LEU A 175 23.46 7.79 32.56
N GLU A 176 24.54 7.35 33.22
CA GLU A 176 25.24 8.20 34.17
C GLU A 176 26.00 9.32 33.46
N ASN A 177 26.80 8.98 32.45
CA ASN A 177 27.55 10.01 31.74
C ASN A 177 26.66 10.89 30.87
N GLY A 178 25.52 10.37 30.41
CA GLY A 178 24.60 11.15 29.60
C GLY A 178 23.42 11.73 30.35
N ARG A 179 23.56 11.84 31.68
CA ARG A 179 22.44 12.17 32.56
C ARG A 179 21.68 13.43 32.11
N GLU A 180 22.39 14.43 31.59
CA GLU A 180 21.71 15.64 31.13
C GLU A 180 20.85 15.35 29.91
N THR A 181 21.45 14.71 28.91
CA THR A 181 20.72 14.43 27.67
C THR A 181 19.70 13.33 27.90
N LEU A 182 20.11 12.25 28.57
CA LEU A 182 19.35 11.01 28.54
C LEU A 182 18.25 10.95 29.58
N LEU A 183 18.46 11.56 30.75
CA LEU A 183 17.46 11.50 31.81
C LEU A 183 16.51 12.69 31.82
N ARG A 184 16.42 13.42 30.72
CA ARG A 184 15.48 14.52 30.58
C ARG A 184 14.21 14.05 29.87
N ALA A 185 13.17 14.84 30.05
CA ALA A 185 11.92 14.68 29.32
C ALA A 185 11.52 16.11 28.96
N ASP A 186 11.91 16.57 27.77
CA ASP A 186 11.53 17.90 27.31
C ASP A 186 10.08 17.85 26.82
N PRO A 187 9.15 18.52 27.49
CA PRO A 187 7.77 18.55 27.00
C PRO A 187 7.70 19.26 25.66
N PRO A 188 6.68 18.99 24.84
CA PRO A 188 6.61 19.66 23.54
C PRO A 188 6.21 21.11 23.71
N LYS A 189 6.71 21.92 22.78
CA LYS A 189 6.25 23.29 22.58
C LYS A 189 5.05 23.24 21.65
N THR A 190 3.87 23.53 22.17
CA THR A 190 2.69 23.34 21.35
C THR A 190 2.08 24.69 20.97
N HIS A 191 1.47 24.69 19.80
CA HIS A 191 0.63 25.79 19.36
C HIS A 191 -0.27 25.24 18.25
N ILE A 192 -1.22 26.06 17.81
CA ILE A 192 -2.17 25.71 16.76
C ILE A 192 -2.04 26.71 15.63
N THR A 193 -2.00 26.23 14.39
CA THR A 193 -2.06 27.17 13.28
C THR A 193 -3.35 26.97 12.50
N HIS A 194 -3.58 27.85 11.51
CA HIS A 194 -4.93 28.09 11.00
C HIS A 194 -4.83 28.43 9.52
N HIS A 195 -5.25 27.54 8.63
CA HIS A 195 -5.02 27.69 7.20
C HIS A 195 -6.32 27.53 6.44
N PRO A 196 -6.88 28.64 5.93
CA PRO A 196 -8.20 28.57 5.27
C PRO A 196 -8.13 27.83 3.94
N ILE A 197 -9.02 26.86 3.78
CA ILE A 197 -9.09 26.10 2.53
C ILE A 197 -9.93 26.83 1.49
N SER A 198 -11.19 27.06 1.82
CA SER A 198 -12.09 27.89 1.03
C SER A 198 -12.73 28.86 2.02
N ASP A 199 -13.85 29.47 1.62
CA ASP A 199 -14.56 30.35 2.55
C ASP A 199 -15.51 29.60 3.45
N ARG A 200 -15.68 28.30 3.25
CA ARG A 200 -16.53 27.49 4.10
C ARG A 200 -15.79 26.35 4.78
N GLU A 201 -14.46 26.25 4.60
CA GLU A 201 -13.67 25.19 5.23
C GLU A 201 -12.28 25.73 5.58
N VAL A 202 -11.78 25.32 6.75
CA VAL A 202 -10.54 25.86 7.31
C VAL A 202 -9.77 24.71 7.96
N THR A 203 -8.44 24.68 7.76
CA THR A 203 -7.60 23.62 8.34
C THR A 203 -7.01 24.07 9.67
N LEU A 204 -7.26 23.29 10.72
CA LEU A 204 -6.60 23.46 12.01
C LEU A 204 -5.43 22.49 12.08
N ARG A 205 -4.24 23.00 12.43
CA ARG A 205 -3.06 22.16 12.59
C ARG A 205 -2.49 22.39 13.97
N CYS A 206 -2.29 21.31 14.72
CA CYS A 206 -1.84 21.38 16.10
C CYS A 206 -0.43 20.84 16.21
N TRP A 207 0.49 21.67 16.67
CA TRP A 207 1.93 21.42 16.54
C TRP A 207 2.52 21.03 17.89
N ALA A 208 3.36 19.99 17.89
CA ALA A 208 4.19 19.64 19.04
C ALA A 208 5.65 19.63 18.60
N LEU A 209 6.48 20.48 19.22
CA LEU A 209 7.82 20.78 18.74
C LEU A 209 8.86 20.63 19.83
N GLY A 210 10.03 20.15 19.43
CA GLY A 210 11.17 20.10 20.33
C GLY A 210 11.03 19.16 21.50
N PHE A 211 10.27 18.09 21.36
CA PHE A 211 10.05 17.21 22.49
C PHE A 211 10.94 15.97 22.43
N TYR A 212 11.12 15.37 23.61
CA TYR A 212 11.92 14.17 23.83
C TYR A 212 11.44 13.56 25.13
N PRO A 213 11.25 12.23 25.19
CA PRO A 213 11.45 11.23 24.12
C PRO A 213 10.37 11.20 23.05
N GLU A 214 10.53 10.24 22.12
CA GLU A 214 9.73 10.21 20.91
C GLU A 214 8.25 10.03 21.22
N GLU A 215 7.92 9.13 22.14
CA GLU A 215 6.55 8.75 22.46
C GLU A 215 5.69 9.95 22.84
N ILE A 216 4.61 10.16 22.10
CA ILE A 216 3.72 11.29 22.34
C ILE A 216 2.33 10.95 21.78
N THR A 217 1.29 11.58 22.33
CA THR A 217 -0.05 11.44 21.78
C THR A 217 -0.67 12.81 21.53
N LEU A 218 -1.24 12.98 20.32
CA LEU A 218 -1.95 14.20 19.94
C LEU A 218 -3.32 13.84 19.42
N THR A 219 -4.35 14.51 19.92
CA THR A 219 -5.70 14.29 19.40
C THR A 219 -6.49 15.58 19.28
N TRP A 220 -7.45 15.57 18.36
CA TRP A 220 -8.45 16.60 18.22
C TRP A 220 -9.79 16.14 18.83
N GLN A 221 -10.50 17.07 19.47
CA GLN A 221 -11.82 16.78 20.02
C GLN A 221 -12.81 17.83 19.58
N HIS A 222 -13.94 17.39 18.99
CA HIS A 222 -15.05 18.28 18.61
C HIS A 222 -16.12 18.21 19.69
N ASP A 223 -16.23 19.28 20.49
CA ASP A 223 -17.11 19.32 21.65
C ASP A 223 -16.88 18.10 22.54
N GLY A 224 -15.61 17.84 22.83
CA GLY A 224 -15.26 16.65 23.58
C GLY A 224 -15.43 15.33 22.85
N GLU A 225 -15.72 15.34 21.56
CA GLU A 225 -15.85 14.11 20.79
C GLU A 225 -14.56 13.85 20.02
N ASP A 226 -13.87 12.75 20.33
CA ASP A 226 -12.64 12.42 19.64
C ASP A 226 -12.84 12.39 18.13
N GLN A 227 -11.81 12.81 17.39
CA GLN A 227 -11.84 13.00 15.94
C GLN A 227 -10.77 12.20 15.22
N THR A 228 -10.37 11.04 15.76
CA THR A 228 -9.15 10.40 15.27
C THR A 228 -9.24 10.05 13.78
N GLN A 229 -10.38 9.51 13.33
CA GLN A 229 -10.41 9.10 11.92
C GLN A 229 -10.56 10.30 10.99
N GLU A 230 -11.12 11.39 11.49
CA GLU A 230 -11.28 12.59 10.67
C GLU A 230 -10.00 13.41 10.54
N MET A 231 -8.95 13.06 11.26
CA MET A 231 -7.76 13.91 11.31
C MET A 231 -6.60 13.26 10.56
N GLU A 232 -5.70 14.13 10.09
CA GLU A 232 -4.44 13.74 9.49
C GLU A 232 -3.34 13.85 10.55
N LEU A 233 -2.67 12.73 10.82
CA LEU A 233 -1.59 12.66 11.80
C LEU A 233 -0.29 12.29 11.09
N VAL A 234 0.74 13.15 11.19
CA VAL A 234 2.00 12.82 10.52
C VAL A 234 2.85 11.93 11.42
N GLU A 235 3.66 11.08 10.79
CA GLU A 235 4.63 10.31 11.54
C GLU A 235 5.55 11.26 12.30
N THR A 236 5.88 10.89 13.55
CA THR A 236 6.84 11.64 14.35
C THR A 236 8.20 11.67 13.64
N ARG A 237 8.88 12.81 13.72
CA ARG A 237 10.06 13.11 12.91
C ARG A 237 11.09 13.88 13.74
N PRO A 238 12.37 13.65 13.48
CA PRO A 238 13.40 14.29 14.31
C PRO A 238 13.62 15.72 13.83
N ASP A 239 14.04 16.58 14.75
CA ASP A 239 14.29 17.95 14.31
C ASP A 239 15.72 18.17 13.83
N GLY A 240 16.61 17.20 14.04
CA GLY A 240 18.00 17.35 13.71
C GLY A 240 18.85 17.83 14.87
N ASN A 241 18.24 18.12 16.02
CA ASN A 241 18.93 18.62 17.18
C ASN A 241 18.71 17.71 18.38
N GLY A 242 18.31 16.47 18.14
CA GLY A 242 18.15 15.52 19.21
C GLY A 242 16.78 15.53 19.84
N ALA A 243 15.80 16.18 19.20
CA ALA A 243 14.42 16.15 19.70
C ALA A 243 13.46 15.75 18.58
N PHE A 244 12.16 15.89 18.79
CA PHE A 244 11.20 15.40 17.82
C PHE A 244 10.06 16.41 17.61
N GLN A 245 9.33 16.23 16.51
CA GLN A 245 8.19 17.05 16.18
C GLN A 245 7.03 16.16 15.72
N LYS A 246 5.81 16.70 15.83
CA LYS A 246 4.63 16.00 15.32
C LYS A 246 3.48 16.99 15.19
N TRP A 247 2.62 16.77 14.19
CA TRP A 247 1.36 17.52 14.17
C TRP A 247 0.19 16.62 13.79
N ALA A 248 -0.98 17.08 14.21
CA ALA A 248 -2.29 16.58 13.80
C ALA A 248 -3.11 17.73 13.21
N ALA A 249 -3.75 17.47 12.06
CA ALA A 249 -4.62 18.46 11.43
C ALA A 249 -5.98 17.86 11.10
N LEU A 250 -6.97 18.74 10.94
CA LEU A 250 -8.31 18.35 10.54
C LEU A 250 -9.03 19.59 10.00
N VAL A 251 -9.91 19.36 9.01
CA VAL A 251 -10.67 20.44 8.38
C VAL A 251 -11.97 20.66 9.15
N VAL A 252 -12.26 21.92 9.49
CA VAL A 252 -13.45 22.31 10.26
C VAL A 252 -14.17 23.40 9.48
N PRO A 253 -15.49 23.56 9.70
CA PRO A 253 -16.23 24.60 8.98
C PRO A 253 -15.86 26.00 9.48
N SER A 254 -15.88 26.95 8.54
CA SER A 254 -15.19 28.23 8.67
C SER A 254 -15.72 29.15 9.75
N GLY A 255 -16.64 28.67 10.58
CA GLY A 255 -17.05 29.48 11.70
C GLY A 255 -17.05 28.71 12.99
N GLU A 256 -16.77 27.41 12.92
CA GLU A 256 -16.80 26.54 14.08
C GLU A 256 -15.41 26.10 14.53
N GLU A 257 -14.39 26.95 14.34
CA GLU A 257 -13.06 26.66 14.88
C GLU A 257 -13.11 26.56 16.39
N GLN A 258 -13.83 27.48 17.03
CA GLN A 258 -13.91 27.60 18.48
C GLN A 258 -14.39 26.34 19.16
N ARG A 259 -14.94 25.39 18.42
CA ARG A 259 -15.59 24.23 19.01
C ARG A 259 -14.69 23.00 19.02
N TYR A 260 -13.40 23.16 18.70
CA TYR A 260 -12.46 22.06 18.63
C TYR A 260 -11.33 22.28 19.63
N THR A 261 -10.78 21.19 20.15
CA THR A 261 -9.65 21.28 21.06
C THR A 261 -8.62 20.23 20.69
N CYS A 262 -7.35 20.60 20.86
CA CYS A 262 -6.23 19.70 20.65
C CYS A 262 -5.76 19.24 22.01
N HIS A 263 -5.48 17.96 22.14
CA HIS A 263 -5.05 17.39 23.42
C HIS A 263 -3.69 16.77 23.23
N VAL A 264 -2.79 17.05 24.17
CA VAL A 264 -1.37 16.69 24.07
C VAL A 264 -0.95 16.02 25.36
N GLN A 265 -0.35 14.83 25.25
CA GLN A 265 0.22 14.08 26.36
C GLN A 265 1.68 13.70 26.08
N HIS A 266 2.52 13.87 27.09
CA HIS A 266 3.93 13.58 26.94
C HIS A 266 4.58 13.52 28.31
N GLU A 267 5.62 12.69 28.42
CA GLU A 267 6.30 12.48 29.71
C GLU A 267 6.72 13.79 30.35
N GLY A 268 7.16 14.76 29.54
CA GLY A 268 7.58 16.04 30.08
C GLY A 268 6.45 16.91 30.63
N LEU A 269 5.20 16.60 30.30
CA LEU A 269 4.08 17.46 30.66
C LEU A 269 3.59 17.14 32.06
N PRO A 270 3.57 18.12 32.99
CA PRO A 270 2.98 17.86 34.31
C PRO A 270 1.53 17.41 34.26
N GLN A 271 0.72 18.02 33.40
CA GLN A 271 -0.63 17.58 33.06
C GLN A 271 -0.75 17.62 31.54
N PRO A 272 -1.67 16.86 30.97
CA PRO A 272 -1.90 16.96 29.52
C PRO A 272 -2.47 18.32 29.14
N LEU A 273 -2.01 18.83 28.00
CA LEU A 273 -2.44 20.14 27.53
C LEU A 273 -3.72 20.04 26.72
N THR A 274 -4.59 21.02 26.90
CA THR A 274 -5.69 21.28 25.99
C THR A 274 -5.46 22.63 25.33
N LEU A 275 -5.49 22.66 24.00
CA LEU A 275 -5.31 23.88 23.24
C LEU A 275 -6.58 24.17 22.44
N ARG A 276 -6.82 25.46 22.21
CA ARG A 276 -7.96 25.91 21.44
C ARG A 276 -7.57 27.18 20.70
N TRP A 277 -8.09 27.32 19.49
CA TRP A 277 -7.80 28.49 18.67
C TRP A 277 -8.51 29.75 19.20
N ILE B 1 11.54 -8.36 0.10
CA ILE B 1 10.43 -7.54 0.55
C ILE B 1 10.87 -6.07 0.46
N GLN B 2 10.13 -5.26 -0.30
CA GLN B 2 10.52 -3.90 -0.65
C GLN B 2 9.45 -2.91 -0.20
N ARG B 3 9.87 -1.66 0.02
CA ARG B 3 8.99 -0.67 0.63
C ARG B 3 9.31 0.73 0.11
N THR B 4 8.27 1.50 -0.20
CA THR B 4 8.50 2.81 -0.80
C THR B 4 8.73 3.86 0.28
N PRO B 5 9.69 4.77 0.08
CA PRO B 5 9.96 5.77 1.12
C PRO B 5 8.78 6.69 1.33
N LYS B 6 8.54 7.05 2.60
CA LYS B 6 7.74 8.20 2.97
C LYS B 6 8.67 9.42 3.07
N ILE B 7 8.12 10.62 2.84
CA ILE B 7 8.90 11.86 2.77
C ILE B 7 8.18 12.96 3.55
N GLN B 8 8.94 13.72 4.34
CA GLN B 8 8.44 14.91 5.00
C GLN B 8 9.48 15.98 4.84
N VAL B 9 9.09 17.11 4.26
CA VAL B 9 9.96 18.26 4.10
C VAL B 9 9.48 19.32 5.07
N TYR B 10 10.39 19.85 5.87
CA TYR B 10 10.04 20.72 6.97
C TYR B 10 11.32 21.37 7.47
N SER B 11 11.18 22.29 8.44
CA SER B 11 12.30 23.02 8.99
C SER B 11 12.41 22.77 10.48
N ARG B 12 13.63 22.93 11.01
CA ARG B 12 13.85 22.69 12.44
C ARG B 12 13.05 23.67 13.29
N HIS B 13 12.99 24.91 12.85
CA HIS B 13 12.28 25.93 13.57
C HIS B 13 11.22 26.53 12.69
N PRO B 14 10.16 27.08 13.26
CA PRO B 14 9.11 27.68 12.43
C PRO B 14 9.71 28.78 11.56
N ALA B 15 9.38 28.74 10.26
CA ALA B 15 9.96 29.63 9.26
C ALA B 15 9.70 31.10 9.55
N GLU B 16 10.75 31.80 9.96
CA GLU B 16 10.76 33.25 10.06
C GLU B 16 11.66 33.77 8.94
N ASN B 17 11.05 34.31 7.89
CA ASN B 17 11.79 34.77 6.70
C ASN B 17 12.98 35.63 7.11
N GLY B 18 14.12 35.38 6.48
CA GLY B 18 15.35 36.12 6.76
C GLY B 18 16.10 35.69 8.00
N LYS B 19 15.58 34.74 8.76
CA LYS B 19 16.26 34.16 9.90
C LYS B 19 16.86 32.82 9.48
N SER B 20 17.97 32.45 10.11
CA SER B 20 18.63 31.22 9.73
C SER B 20 17.91 30.04 10.37
N ASN B 21 17.78 28.95 9.60
CA ASN B 21 17.03 27.78 10.05
C ASN B 21 17.81 26.53 9.64
N PHE B 22 17.11 25.41 9.58
CA PHE B 22 17.60 24.18 8.95
C PHE B 22 16.48 23.64 8.10
N LEU B 23 16.81 23.21 6.89
CA LEU B 23 15.84 22.59 6.01
C LEU B 23 16.04 21.08 6.10
N ASN B 24 14.99 20.39 6.55
CA ASN B 24 14.98 18.94 6.78
C ASN B 24 14.17 18.20 5.72
N CYS B 25 14.71 17.08 5.27
CA CYS B 25 13.95 16.12 4.47
C CYS B 25 14.13 14.77 5.14
N TYR B 26 13.05 14.20 5.68
CA TYR B 26 13.12 12.97 6.47
C TYR B 26 12.45 11.86 5.67
N VAL B 27 13.24 10.88 5.24
CA VAL B 27 12.71 9.74 4.50
C VAL B 27 12.72 8.52 5.42
N SER B 28 11.56 7.88 5.58
CA SER B 28 11.42 6.75 6.47
C SER B 28 10.69 5.62 5.77
N GLY B 29 10.65 4.47 6.43
CA GLY B 29 9.84 3.36 5.98
C GLY B 29 10.27 2.71 4.70
N PHE B 30 11.51 2.89 4.28
CA PHE B 30 11.92 2.29 3.00
C PHE B 30 12.78 1.05 3.22
N HIS B 31 12.87 0.26 2.17
CA HIS B 31 13.72 -0.93 2.10
C HIS B 31 13.79 -1.32 0.63
N PRO B 32 15.00 -1.64 0.07
CA PRO B 32 16.30 -1.67 0.76
C PRO B 32 16.86 -0.27 1.01
N SER B 33 18.10 -0.18 1.49
CA SER B 33 18.59 1.04 2.14
C SER B 33 19.12 2.07 1.15
N ASP B 34 19.66 1.64 0.01
CA ASP B 34 20.20 2.60 -0.96
C ASP B 34 19.12 3.59 -1.39
N ILE B 35 19.36 4.87 -1.13
CA ILE B 35 18.41 5.92 -1.44
C ILE B 35 19.16 7.15 -1.93
N GLU B 36 18.50 7.89 -2.82
CA GLU B 36 19.03 9.09 -3.46
C GLU B 36 18.16 10.25 -2.98
N VAL B 37 18.76 11.16 -2.20
CA VAL B 37 18.01 12.27 -1.60
C VAL B 37 18.76 13.58 -1.85
N ASP B 38 18.07 14.59 -2.34
CA ASP B 38 18.67 15.89 -2.62
C ASP B 38 17.76 17.00 -2.13
N LEU B 39 18.38 18.08 -1.67
CA LEU B 39 17.64 19.30 -1.34
C LEU B 39 17.77 20.28 -2.50
N LEU B 40 16.65 20.89 -2.87
CA LEU B 40 16.58 21.75 -4.04
C LEU B 40 16.22 23.17 -3.63
N LYS B 41 16.92 24.14 -4.21
CA LYS B 41 16.56 25.54 -4.11
C LYS B 41 16.23 26.01 -5.53
N ASN B 42 14.94 26.15 -5.83
CA ASN B 42 14.45 26.61 -7.12
C ASN B 42 14.85 25.66 -8.26
N GLY B 43 14.71 24.35 -8.01
CA GLY B 43 15.00 23.33 -9.00
C GLY B 43 16.47 22.95 -9.09
N GLU B 44 17.35 23.67 -8.41
CA GLU B 44 18.79 23.41 -8.42
C GLU B 44 19.20 22.70 -7.14
N ARG B 45 19.96 21.61 -7.28
CA ARG B 45 20.46 20.87 -6.13
C ARG B 45 21.28 21.77 -5.22
N ILE B 46 21.18 21.56 -3.91
CA ILE B 46 22.04 22.26 -2.95
C ILE B 46 23.23 21.36 -2.65
N GLU B 47 24.43 21.94 -2.69
CA GLU B 47 25.63 21.11 -2.59
C GLU B 47 25.87 20.65 -1.16
N LYS B 48 26.07 21.59 -0.25
CA LYS B 48 26.45 21.25 1.12
C LYS B 48 25.23 20.73 1.87
N VAL B 49 24.91 19.44 1.66
CA VAL B 49 23.83 18.78 2.37
C VAL B 49 24.40 17.57 3.12
N GLU B 50 24.06 17.47 4.41
CA GLU B 50 24.49 16.37 5.24
C GLU B 50 23.32 15.45 5.59
N HIS B 51 23.62 14.33 6.23
CA HIS B 51 22.57 13.37 6.60
C HIS B 51 23.00 12.51 7.78
N SER B 52 22.02 12.01 8.51
CA SER B 52 22.24 11.17 9.68
C SER B 52 22.69 9.77 9.29
N ASP B 53 23.07 9.00 10.30
CA ASP B 53 23.58 7.66 10.09
C ASP B 53 22.43 6.67 9.89
N LEU B 54 22.65 5.70 9.02
CA LEU B 54 21.60 4.76 8.68
C LEU B 54 21.20 3.92 9.88
N SER B 55 19.95 4.05 10.31
CA SER B 55 19.33 3.05 11.19
C SER B 55 17.96 2.68 10.60
N PHE B 56 17.14 2.01 11.41
CA PHE B 56 15.89 1.44 10.94
C PHE B 56 14.93 1.20 12.12
N SER B 57 13.66 0.98 11.78
CA SER B 57 12.58 0.88 12.75
C SER B 57 12.27 -0.57 13.12
N LYS B 58 11.32 -0.73 14.05
CA LYS B 58 10.89 -2.05 14.49
C LYS B 58 10.55 -2.96 13.32
N ASP B 59 9.99 -2.42 12.24
CA ASP B 59 9.64 -3.23 11.08
C ASP B 59 10.79 -3.35 10.07
N TRP B 60 12.02 -3.05 10.51
CA TRP B 60 13.24 -3.17 9.73
C TRP B 60 13.41 -2.09 8.65
N SER B 61 12.39 -1.28 8.41
CA SER B 61 12.48 -0.22 7.42
C SER B 61 13.42 0.88 7.88
N PHE B 62 14.17 1.45 6.93
CA PHE B 62 15.24 2.39 7.23
C PHE B 62 14.71 3.81 7.32
N TYR B 63 15.47 4.66 7.98
CA TYR B 63 15.15 6.08 7.98
C TYR B 63 16.44 6.89 7.99
N LEU B 64 16.41 8.04 7.31
CA LEU B 64 17.52 8.97 7.29
C LEU B 64 16.96 10.38 7.36
N LEU B 65 17.74 11.27 7.96
CA LEU B 65 17.42 12.70 7.92
C LEU B 65 18.48 13.39 7.08
N TYR B 66 18.02 14.15 6.08
CA TYR B 66 18.90 15.02 5.32
C TYR B 66 18.57 16.47 5.69
N TYR B 67 19.62 17.29 5.81
CA TYR B 67 19.47 18.64 6.35
C TYR B 67 20.56 19.54 5.80
N THR B 68 20.22 20.81 5.67
CA THR B 68 21.17 21.82 5.25
C THR B 68 20.80 23.12 5.94
N GLU B 69 21.80 23.93 6.27
CA GLU B 69 21.55 25.24 6.87
C GLU B 69 21.00 26.18 5.79
N PHE B 70 19.88 26.84 6.08
CA PHE B 70 19.27 27.74 5.11
C PHE B 70 18.61 28.92 5.80
N THR B 71 18.12 29.85 4.98
CA THR B 71 17.48 31.08 5.45
C THR B 71 16.30 31.36 4.55
N PRO B 72 15.07 31.06 5.00
CA PRO B 72 13.92 31.16 4.09
C PRO B 72 13.63 32.61 3.72
N THR B 73 13.17 32.78 2.50
CA THR B 73 12.67 34.05 2.01
C THR B 73 11.20 33.90 1.62
N GLU B 74 10.56 35.03 1.34
CA GLU B 74 9.18 34.95 0.89
C GLU B 74 9.08 34.18 -0.41
N LYS B 75 10.10 34.27 -1.26
CA LYS B 75 9.96 33.87 -2.65
C LYS B 75 10.67 32.58 -3.01
N ASP B 76 11.75 32.22 -2.30
CA ASP B 76 12.54 31.04 -2.66
C ASP B 76 11.74 29.75 -2.49
N GLU B 77 11.73 28.90 -3.51
CA GLU B 77 11.08 27.60 -3.41
C GLU B 77 12.11 26.53 -3.07
N TYR B 78 11.77 25.68 -2.11
CA TYR B 78 12.62 24.58 -1.67
C TYR B 78 11.89 23.26 -1.81
N ALA B 79 12.63 22.19 -2.07
CA ALA B 79 12.01 20.88 -2.23
C ALA B 79 13.00 19.78 -1.85
N CYS B 80 12.49 18.55 -1.91
CA CYS B 80 13.28 17.36 -1.65
C CYS B 80 13.03 16.36 -2.77
N ARG B 81 14.09 15.97 -3.47
CA ARG B 81 14.00 14.98 -4.53
C ARG B 81 14.45 13.64 -3.97
N VAL B 82 13.64 12.61 -4.17
CA VAL B 82 13.94 11.28 -3.63
C VAL B 82 13.81 10.27 -4.76
N ASN B 83 14.85 9.47 -4.97
CA ASN B 83 14.67 8.30 -5.82
C ASN B 83 15.01 7.05 -5.00
N HIS B 84 14.47 5.92 -5.45
CA HIS B 84 14.61 4.67 -4.75
C HIS B 84 14.32 3.57 -5.77
N VAL B 85 14.77 2.36 -5.47
CA VAL B 85 14.50 1.27 -6.41
C VAL B 85 13.00 1.15 -6.64
N THR B 86 12.19 1.40 -5.60
CA THR B 86 10.75 1.25 -5.70
C THR B 86 10.09 2.37 -6.49
N LEU B 87 10.78 3.49 -6.71
CA LEU B 87 10.18 4.63 -7.42
C LEU B 87 10.59 4.55 -8.89
N SER B 88 9.59 4.40 -9.78
CA SER B 88 9.84 4.48 -11.21
C SER B 88 10.20 5.90 -11.63
N GLN B 89 9.62 6.88 -10.96
CA GLN B 89 10.02 8.27 -11.12
C GLN B 89 10.41 8.83 -9.75
N PRO B 90 11.34 9.78 -9.72
CA PRO B 90 11.63 10.47 -8.47
C PRO B 90 10.40 11.18 -7.96
N LYS B 91 10.21 11.12 -6.65
CA LYS B 91 9.26 11.99 -5.97
C LYS B 91 9.95 13.29 -5.60
N ILE B 92 9.36 14.41 -6.01
CA ILE B 92 9.78 15.73 -5.58
C ILE B 92 8.65 16.27 -4.70
N VAL B 93 9.00 16.66 -3.47
CA VAL B 93 8.05 17.17 -2.49
C VAL B 93 8.46 18.60 -2.20
N LYS B 94 7.52 19.53 -2.33
CA LYS B 94 7.83 20.93 -2.13
C LYS B 94 7.86 21.22 -0.65
N TRP B 95 8.79 22.07 -0.23
CA TRP B 95 8.71 22.58 1.12
C TRP B 95 7.44 23.41 1.25
N ASP B 96 6.75 23.23 2.37
CA ASP B 96 5.63 24.07 2.78
C ASP B 96 5.93 24.51 4.19
N ARG B 97 5.94 25.82 4.44
CA ARG B 97 6.33 26.23 5.79
C ARG B 97 5.26 25.91 6.83
N ASP B 98 4.12 25.36 6.42
CA ASP B 98 2.97 25.14 7.28
C ASP B 98 2.72 23.65 7.57
N MET B 99 3.65 22.77 7.21
CA MET B 99 3.49 21.33 7.47
C MET B 99 4.79 20.58 7.34
N ASP C 1 29.02 -1.07 25.04
CA ASP C 1 30.05 -1.76 24.28
C ASP C 1 29.47 -2.47 23.06
N PHE C 2 30.15 -2.34 21.92
CA PHE C 2 29.70 -2.98 20.70
C PHE C 2 29.52 -4.47 20.88
N PRO C 9 26.17 -15.45 9.16
CA PRO C 9 24.99 -16.30 9.25
C PRO C 9 25.08 -17.53 8.33
N GLY D 1 -3.63 9.17 -26.32
CA GLY D 1 -4.39 8.42 -25.33
C GLY D 1 -5.85 8.12 -25.70
N PHE D 2 -6.53 7.36 -24.83
CA PHE D 2 -7.94 7.01 -25.03
C PHE D 2 -8.60 6.89 -23.65
N HIS D 3 -9.89 7.23 -23.58
CA HIS D 3 -10.66 7.08 -22.35
C HIS D 3 -12.10 6.74 -22.67
N SER D 4 -12.70 5.97 -21.77
CA SER D 4 -14.03 5.40 -21.96
C SER D 4 -14.88 5.63 -20.72
N LEU D 5 -16.08 6.17 -20.93
CA LEU D 5 -17.17 6.15 -19.97
C LEU D 5 -18.15 5.05 -20.37
N ARG D 6 -18.47 4.15 -19.44
CA ARG D 6 -19.25 2.95 -19.75
C ARG D 6 -20.27 2.65 -18.65
N TYR D 7 -21.50 2.35 -19.04
CA TYR D 7 -22.54 1.99 -18.10
C TYR D 7 -22.92 0.52 -18.31
N PHE D 8 -23.16 -0.17 -17.19
CA PHE D 8 -23.49 -1.59 -17.20
C PHE D 8 -24.81 -1.74 -16.43
N TYR D 9 -25.83 -2.26 -17.11
CA TYR D 9 -27.10 -2.55 -16.47
C TYR D 9 -27.20 -4.05 -16.29
N THR D 10 -27.75 -4.48 -15.16
CA THR D 10 -28.10 -5.88 -14.98
C THR D 10 -29.52 -5.94 -14.42
N ALA D 11 -30.43 -6.57 -15.17
CA ALA D 11 -31.79 -6.83 -14.72
C ALA D 11 -32.04 -8.33 -14.76
N TRP D 12 -32.53 -8.89 -13.65
CA TRP D 12 -32.87 -10.31 -13.65
C TRP D 12 -34.08 -10.58 -12.76
N SER D 13 -34.90 -11.55 -13.18
CA SER D 13 -36.11 -11.92 -12.45
C SER D 13 -35.78 -12.95 -11.37
N ARG D 14 -36.54 -12.87 -10.28
CA ARG D 14 -36.38 -13.74 -9.13
C ARG D 14 -37.70 -14.43 -8.83
N PRO D 15 -38.13 -15.39 -9.67
CA PRO D 15 -39.47 -15.98 -9.52
C PRO D 15 -39.68 -16.59 -8.14
N GLY D 16 -40.81 -16.25 -7.52
CA GLY D 16 -41.09 -16.69 -6.18
C GLY D 16 -40.39 -15.85 -5.11
N SER D 17 -39.13 -15.49 -5.35
CA SER D 17 -38.35 -14.69 -4.41
C SER D 17 -38.65 -13.20 -4.47
N GLY D 18 -39.60 -12.77 -5.30
CA GLY D 18 -40.00 -11.36 -5.39
C GLY D 18 -39.89 -10.82 -6.80
N GLU D 19 -39.97 -9.50 -6.90
CA GLU D 19 -39.97 -8.84 -8.20
C GLU D 19 -38.55 -8.72 -8.74
N PRO D 20 -38.39 -8.52 -10.06
CA PRO D 20 -37.04 -8.42 -10.63
C PRO D 20 -36.18 -7.35 -9.98
N ARG D 21 -34.87 -7.59 -10.01
CA ARG D 21 -33.86 -6.68 -9.52
C ARG D 21 -33.12 -6.00 -10.68
N PHE D 22 -32.70 -4.76 -10.45
CA PHE D 22 -31.99 -3.99 -11.44
C PHE D 22 -30.82 -3.30 -10.76
N VAL D 23 -29.63 -3.47 -11.31
CA VAL D 23 -28.40 -2.92 -10.74
C VAL D 23 -27.59 -2.32 -11.88
N ALA D 24 -27.05 -1.13 -11.65
CA ALA D 24 -26.38 -0.38 -12.69
C ALA D 24 -25.12 0.23 -12.12
N VAL D 25 -24.07 0.29 -12.92
CA VAL D 25 -22.81 0.86 -12.49
C VAL D 25 -22.21 1.68 -13.63
N GLY D 26 -21.42 2.67 -13.28
CA GLY D 26 -20.74 3.48 -14.28
C GLY D 26 -19.24 3.48 -14.02
N TYR D 27 -18.46 3.33 -15.09
CA TYR D 27 -17.02 3.41 -15.03
C TYR D 27 -16.48 4.45 -15.99
N VAL D 28 -15.50 5.21 -15.51
CA VAL D 28 -14.54 5.87 -16.39
C VAL D 28 -13.29 5.00 -16.38
N ASP D 29 -12.90 4.47 -17.53
CA ASP D 29 -11.75 3.57 -17.63
C ASP D 29 -11.96 2.40 -16.68
N ASP D 30 -11.03 2.14 -15.75
CA ASP D 30 -11.14 1.00 -14.85
C ASP D 30 -11.52 1.43 -13.43
N THR D 31 -12.18 2.58 -13.29
CA THR D 31 -12.58 3.12 -11.99
C THR D 31 -14.09 3.28 -11.97
N GLN D 32 -14.75 2.54 -11.09
CA GLN D 32 -16.18 2.76 -10.90
C GLN D 32 -16.39 4.10 -10.22
N PHE D 33 -17.52 4.76 -10.55
CA PHE D 33 -17.81 6.05 -9.95
C PHE D 33 -19.25 6.23 -9.49
N VAL D 34 -20.19 5.33 -9.81
CA VAL D 34 -21.60 5.49 -9.46
C VAL D 34 -22.26 4.12 -9.51
N ARG D 35 -23.45 4.03 -8.91
CA ARG D 35 -24.19 2.78 -8.80
C ARG D 35 -25.66 3.10 -8.56
N PHE D 36 -26.49 2.05 -8.64
CA PHE D 36 -27.92 2.14 -8.38
C PHE D 36 -28.47 0.74 -8.19
N ASP D 37 -29.24 0.50 -7.13
CA ASP D 37 -29.77 -0.82 -6.82
C ASP D 37 -31.26 -0.69 -6.54
N SER D 38 -32.09 -1.21 -7.45
CA SER D 38 -33.54 -1.10 -7.34
C SER D 38 -34.11 -1.75 -6.09
N ASP D 39 -33.33 -2.60 -5.41
CA ASP D 39 -33.74 -3.21 -4.15
C ASP D 39 -33.77 -2.21 -2.99
N ASN D 40 -33.04 -1.10 -3.06
CA ASN D 40 -33.10 -0.10 -2.01
C ASN D 40 -34.52 0.47 -1.90
N ALA D 41 -34.84 1.00 -0.71
CA ALA D 41 -36.17 1.52 -0.41
C ALA D 41 -36.56 2.67 -1.32
N SER D 42 -35.85 3.77 -1.24
CA SER D 42 -36.14 4.91 -2.10
C SER D 42 -34.98 5.06 -3.08
N PRO D 43 -34.87 4.16 -4.04
CA PRO D 43 -33.57 3.94 -4.72
C PRO D 43 -33.06 5.17 -5.46
N ARG D 44 -31.87 5.60 -5.10
CA ARG D 44 -31.22 6.74 -5.74
C ARG D 44 -29.87 6.31 -6.32
N ALA D 45 -29.43 7.04 -7.33
CA ALA D 45 -28.08 6.85 -7.85
C ALA D 45 -27.06 7.40 -6.83
N GLU D 46 -26.14 6.55 -6.37
CA GLU D 46 -25.16 6.90 -5.36
C GLU D 46 -23.73 7.05 -5.92
N PRO D 47 -22.93 7.98 -5.39
CA PRO D 47 -21.54 8.12 -5.85
C PRO D 47 -20.66 7.02 -5.30
N ARG D 48 -19.57 6.72 -6.02
CA ARG D 48 -18.68 5.64 -5.64
C ARG D 48 -17.21 5.97 -5.88
N ALA D 49 -16.85 7.25 -6.01
CA ALA D 49 -15.46 7.61 -6.14
C ALA D 49 -15.32 8.97 -5.47
N PRO D 50 -14.21 9.22 -4.77
CA PRO D 50 -14.08 10.49 -4.04
C PRO D 50 -14.32 11.72 -4.90
N TRP D 51 -13.69 11.78 -6.08
CA TRP D 51 -13.88 12.93 -6.97
C TRP D 51 -15.34 13.14 -7.35
N MET D 52 -16.20 12.15 -7.12
CA MET D 52 -17.59 12.30 -7.46
C MET D 52 -18.29 13.27 -6.52
N ASP D 53 -17.56 13.82 -5.55
CA ASP D 53 -18.16 14.66 -4.52
C ASP D 53 -18.44 16.09 -4.97
N LEU D 54 -17.75 16.58 -6.00
CA LEU D 54 -17.93 17.96 -6.43
C LEU D 54 -18.93 18.12 -7.57
N VAL D 55 -19.58 17.04 -7.99
CA VAL D 55 -20.47 17.13 -9.15
C VAL D 55 -21.74 17.89 -8.80
N GLU D 56 -22.21 17.78 -7.55
CA GLU D 56 -23.43 18.49 -7.15
C GLU D 56 -23.24 20.00 -7.27
N GLN D 57 -22.01 20.47 -7.05
CA GLN D 57 -21.70 21.90 -7.09
C GLN D 57 -21.27 22.35 -8.48
N GLN D 58 -21.31 21.47 -9.48
CA GLN D 58 -21.27 21.86 -10.89
C GLN D 58 -22.57 21.58 -11.63
N ASP D 59 -23.39 20.65 -11.13
CA ASP D 59 -24.69 20.37 -11.73
C ASP D 59 -25.62 20.04 -10.58
N PRO D 60 -26.33 21.04 -10.05
CA PRO D 60 -27.23 20.78 -8.93
C PRO D 60 -28.22 19.67 -9.19
N GLN D 61 -28.59 19.42 -10.44
CA GLN D 61 -29.62 18.44 -10.73
C GLN D 61 -29.07 17.08 -11.09
N TYR D 62 -27.75 16.87 -11.00
CA TYR D 62 -27.17 15.61 -11.42
C TYR D 62 -27.76 14.42 -10.67
N TRP D 63 -27.85 14.51 -9.34
CA TRP D 63 -28.22 13.30 -8.58
C TRP D 63 -29.71 12.99 -8.68
N ASP D 64 -30.55 14.02 -8.75
CA ASP D 64 -31.96 13.76 -8.96
C ASP D 64 -32.20 13.24 -10.37
N ARG D 65 -31.53 13.83 -11.36
CA ARG D 65 -31.74 13.44 -12.75
C ARG D 65 -31.26 12.00 -13.00
N ASN D 66 -30.14 11.61 -12.38
CA ASN D 66 -29.67 10.24 -12.60
C ASN D 66 -30.51 9.23 -11.85
N THR D 67 -30.97 9.56 -10.65
CA THR D 67 -31.98 8.75 -10.01
C THR D 67 -33.16 8.55 -10.97
N ARG D 68 -33.73 9.64 -11.45
CA ARG D 68 -34.86 9.60 -12.36
C ARG D 68 -34.63 8.57 -13.47
N ASN D 69 -33.61 8.81 -14.29
CA ASN D 69 -33.28 7.91 -15.39
C ASN D 69 -33.13 6.46 -14.93
N ALA D 70 -32.35 6.25 -13.88
CA ALA D 70 -32.13 4.92 -13.34
C ALA D 70 -33.44 4.19 -13.05
N ARG D 71 -34.35 4.89 -12.38
CA ARG D 71 -35.65 4.31 -12.04
C ARG D 71 -36.38 3.84 -13.28
N ASP D 72 -36.24 4.58 -14.39
CA ASP D 72 -36.87 4.24 -15.65
C ASP D 72 -36.23 3.05 -16.34
N ALA D 73 -34.91 3.10 -16.47
CA ALA D 73 -34.17 1.91 -16.88
C ALA D 73 -34.68 0.67 -16.14
N ALA D 74 -34.71 0.73 -14.79
CA ALA D 74 -35.23 -0.40 -14.01
C ALA D 74 -36.61 -0.82 -14.49
N GLN D 75 -37.45 0.15 -14.87
CA GLN D 75 -38.77 -0.18 -15.40
C GLN D 75 -38.68 -0.75 -16.81
N THR D 76 -37.87 -0.13 -17.68
CA THR D 76 -37.77 -0.61 -19.05
C THR D 76 -37.31 -2.05 -19.12
N TYR D 77 -36.47 -2.48 -18.16
CA TYR D 77 -35.92 -3.83 -18.19
C TYR D 77 -36.73 -4.83 -17.38
N ARG D 78 -37.42 -4.39 -16.31
CA ARG D 78 -38.47 -5.21 -15.71
C ARG D 78 -39.48 -5.59 -16.79
N VAL D 79 -39.99 -4.60 -17.51
CA VAL D 79 -40.91 -4.88 -18.60
C VAL D 79 -40.21 -5.67 -19.69
N GLY D 80 -38.94 -5.34 -19.95
CA GLY D 80 -38.21 -6.03 -21.00
C GLY D 80 -38.02 -7.50 -20.71
N LEU D 81 -37.73 -7.83 -19.45
CA LEU D 81 -37.71 -9.23 -19.02
C LEU D 81 -38.98 -9.98 -19.44
N ASP D 82 -40.13 -9.33 -19.34
CA ASP D 82 -41.40 -9.94 -19.70
C ASP D 82 -41.62 -10.04 -21.22
N ASN D 83 -41.10 -9.07 -21.96
CA ASN D 83 -41.25 -9.05 -23.41
C ASN D 83 -40.36 -10.06 -24.13
N VAL D 84 -39.26 -10.42 -23.51
CA VAL D 84 -38.32 -11.38 -24.09
C VAL D 84 -38.71 -12.81 -23.73
N ARG D 85 -39.05 -13.02 -22.45
CA ARG D 85 -39.58 -14.32 -22.03
C ARG D 85 -40.76 -14.70 -22.89
N GLY D 86 -41.59 -13.72 -23.26
CA GLY D 86 -42.71 -14.01 -24.14
C GLY D 86 -42.31 -14.35 -25.56
N TYR D 87 -41.32 -13.63 -26.12
CA TYR D 87 -40.87 -13.94 -27.48
C TYR D 87 -40.48 -15.41 -27.60
N TYR D 88 -39.80 -15.94 -26.59
CA TYR D 88 -39.28 -17.29 -26.61
C TYR D 88 -40.26 -18.30 -26.06
N ASN D 89 -41.32 -17.83 -25.39
CA ASN D 89 -42.29 -18.68 -24.70
C ASN D 89 -41.61 -19.50 -23.61
N GLN D 90 -40.92 -18.78 -22.72
CA GLN D 90 -40.24 -19.36 -21.59
C GLN D 90 -41.12 -19.33 -20.36
N SER D 91 -40.98 -20.35 -19.51
CA SER D 91 -41.76 -20.41 -18.29
C SER D 91 -41.39 -19.26 -17.34
N GLU D 92 -42.39 -18.73 -16.62
CA GLU D 92 -42.09 -17.72 -15.61
C GLU D 92 -41.43 -18.31 -14.38
N ALA D 93 -41.27 -19.63 -14.35
CA ALA D 93 -40.62 -20.25 -13.20
C ALA D 93 -39.13 -19.99 -13.19
N GLY D 94 -38.51 -19.90 -14.36
CA GLY D 94 -37.08 -19.72 -14.45
C GLY D 94 -36.67 -18.26 -14.33
N SER D 95 -35.53 -18.02 -13.69
CA SER D 95 -34.90 -16.71 -13.67
C SER D 95 -34.23 -16.46 -15.02
N HIS D 96 -34.36 -15.23 -15.52
CA HIS D 96 -33.71 -14.84 -16.76
C HIS D 96 -33.03 -13.48 -16.59
N THR D 97 -31.99 -13.23 -17.39
CA THR D 97 -31.16 -12.05 -17.24
C THR D 97 -31.10 -11.24 -18.53
N ILE D 98 -31.22 -9.93 -18.40
CA ILE D 98 -30.94 -8.99 -19.48
C ILE D 98 -29.80 -8.10 -19.03
N GLN D 99 -28.80 -7.91 -19.91
CA GLN D 99 -27.65 -7.09 -19.62
C GLN D 99 -27.47 -6.08 -20.74
N ARG D 100 -27.12 -4.86 -20.36
CA ARG D 100 -26.81 -3.80 -21.31
C ARG D 100 -25.47 -3.18 -20.96
N MET D 101 -24.65 -2.92 -21.97
CA MET D 101 -23.47 -2.10 -21.80
C MET D 101 -23.47 -1.03 -22.86
N TYR D 102 -23.22 0.21 -22.45
CA TYR D 102 -23.19 1.33 -23.38
C TYR D 102 -22.29 2.43 -22.83
N GLY D 103 -21.76 3.23 -23.76
CA GLY D 103 -20.87 4.32 -23.39
C GLY D 103 -20.07 4.77 -24.60
N CYS D 104 -18.98 5.46 -24.33
CA CYS D 104 -18.25 6.08 -25.42
C CYS D 104 -16.75 6.06 -25.14
N ASP D 105 -15.97 6.02 -26.22
CA ASP D 105 -14.53 6.19 -26.17
C ASP D 105 -14.19 7.52 -26.82
N VAL D 106 -13.37 8.34 -26.16
CA VAL D 106 -12.86 9.57 -26.78
C VAL D 106 -11.35 9.43 -26.93
N GLY D 107 -10.84 10.00 -28.02
CA GLY D 107 -9.43 9.91 -28.37
C GLY D 107 -8.62 11.07 -27.82
N PRO D 108 -7.34 11.17 -28.21
CA PRO D 108 -6.48 12.25 -27.66
C PRO D 108 -7.02 13.61 -27.99
N HIS D 109 -7.89 13.71 -28.99
CA HIS D 109 -8.50 14.96 -29.41
C HIS D 109 -9.69 15.39 -28.56
N GLY D 110 -10.22 14.53 -27.70
CA GLY D 110 -11.44 14.88 -27.00
C GLY D 110 -12.71 14.78 -27.81
N ARG D 111 -12.70 14.08 -28.94
CA ARG D 111 -13.90 13.79 -29.70
C ARG D 111 -14.12 12.28 -29.76
N LEU D 112 -15.34 11.90 -30.15
CA LEU D 112 -15.77 10.51 -30.12
C LEU D 112 -14.93 9.65 -31.06
N LEU D 113 -14.37 8.57 -30.51
CA LEU D 113 -13.68 7.55 -31.27
C LEU D 113 -14.63 6.42 -31.66
N ARG D 114 -15.45 5.96 -30.73
CA ARG D 114 -16.53 5.02 -31.00
C ARG D 114 -17.53 5.08 -29.86
N GLY D 115 -18.82 4.95 -30.21
CA GLY D 115 -19.88 4.77 -29.26
C GLY D 115 -20.37 3.33 -29.35
N TYR D 116 -21.15 2.93 -28.35
CA TYR D 116 -21.61 1.55 -28.37
C TYR D 116 -22.81 1.37 -27.45
N ASP D 117 -23.70 0.47 -27.86
CA ASP D 117 -24.82 0.01 -27.04
C ASP D 117 -25.12 -1.43 -27.41
N GLN D 118 -24.95 -2.34 -26.44
CA GLN D 118 -25.00 -3.77 -26.65
C GLN D 118 -25.82 -4.40 -25.54
N LEU D 119 -26.61 -5.41 -25.92
CA LEU D 119 -27.43 -6.10 -24.95
C LEU D 119 -27.27 -7.59 -25.10
N ALA D 120 -27.38 -8.27 -23.96
CA ALA D 120 -27.33 -9.72 -23.93
C ALA D 120 -28.52 -10.22 -23.15
N TYR D 121 -28.98 -11.40 -23.54
CA TYR D 121 -30.05 -12.10 -22.85
C TYR D 121 -29.44 -13.41 -22.36
N ASP D 122 -29.70 -13.74 -21.10
CA ASP D 122 -29.10 -14.89 -20.46
C ASP D 122 -27.60 -15.01 -20.79
N GLY D 123 -26.90 -13.89 -20.62
CA GLY D 123 -25.45 -13.86 -20.79
C GLY D 123 -24.94 -14.12 -22.20
N ALA D 124 -25.79 -13.97 -23.23
CA ALA D 124 -25.36 -14.12 -24.61
C ALA D 124 -25.91 -12.96 -25.43
N ASP D 125 -25.14 -12.55 -26.44
CA ASP D 125 -25.53 -11.48 -27.34
C ASP D 125 -26.96 -11.65 -27.81
N TYR D 126 -27.67 -10.53 -27.87
CA TYR D 126 -29.08 -10.50 -28.20
C TYR D 126 -29.31 -9.46 -29.27
N ILE D 127 -29.05 -8.19 -28.94
CA ILE D 127 -29.14 -7.10 -29.91
C ILE D 127 -28.02 -6.10 -29.61
N ALA D 128 -27.67 -5.31 -30.62
CA ALA D 128 -26.61 -4.32 -30.42
C ALA D 128 -26.73 -3.25 -31.48
N LEU D 129 -26.45 -2.01 -31.07
CA LEU D 129 -26.35 -0.89 -32.00
C LEU D 129 -25.13 -1.07 -32.90
N ASN D 130 -25.29 -0.75 -34.17
CA ASN D 130 -24.18 -0.92 -35.11
C ASN D 130 -23.26 0.28 -35.10
N GLU D 131 -22.14 0.13 -35.82
CA GLU D 131 -21.10 1.15 -35.76
C GLU D 131 -21.61 2.49 -36.28
N ASP D 132 -22.56 2.47 -37.22
CA ASP D 132 -23.05 3.73 -37.74
C ASP D 132 -23.97 4.46 -36.77
N LEU D 133 -24.32 3.83 -35.64
CA LEU D 133 -25.22 4.39 -34.64
C LEU D 133 -26.59 4.70 -35.26
N ARG D 134 -27.00 3.88 -36.22
CA ARG D 134 -28.19 4.10 -37.02
C ARG D 134 -29.09 2.87 -37.05
N SER D 135 -28.48 1.68 -37.03
CA SER D 135 -29.19 0.43 -37.24
C SER D 135 -28.76 -0.61 -36.21
N TRP D 136 -29.54 -1.69 -36.12
CA TRP D 136 -29.38 -2.68 -35.07
C TRP D 136 -29.16 -4.07 -35.65
N THR D 137 -28.42 -4.89 -34.91
CA THR D 137 -28.14 -6.27 -35.28
C THR D 137 -28.78 -7.21 -34.28
N ALA D 138 -29.74 -8.00 -34.72
CA ALA D 138 -30.40 -8.97 -33.86
C ALA D 138 -29.74 -10.34 -34.05
N ALA D 139 -29.56 -11.06 -32.95
CA ALA D 139 -28.89 -12.34 -32.97
C ALA D 139 -29.80 -13.51 -33.31
N ASP D 140 -31.11 -13.30 -33.30
CA ASP D 140 -32.08 -14.35 -33.61
C ASP D 140 -33.45 -13.70 -33.79
N LEU D 141 -34.46 -14.54 -34.00
CA LEU D 141 -35.79 -14.07 -34.34
C LEU D 141 -36.42 -13.28 -33.21
N ALA D 142 -36.28 -13.75 -31.97
CA ALA D 142 -36.84 -13.02 -30.86
C ALA D 142 -36.29 -11.59 -30.83
N ALA D 143 -34.99 -11.43 -31.08
CA ALA D 143 -34.41 -10.09 -31.00
C ALA D 143 -34.92 -9.17 -32.10
N GLN D 144 -35.46 -9.72 -33.20
CA GLN D 144 -36.02 -8.86 -34.24
C GLN D 144 -37.30 -8.17 -33.78
N ASN D 145 -38.11 -8.83 -32.95
CA ASN D 145 -39.23 -8.11 -32.33
C ASN D 145 -38.73 -6.93 -31.52
N THR D 146 -37.63 -7.11 -30.78
CA THR D 146 -37.07 -5.99 -30.07
C THR D 146 -36.56 -4.94 -31.04
N ARG D 147 -35.91 -5.37 -32.11
CA ARG D 147 -35.41 -4.40 -33.07
C ARG D 147 -36.54 -3.68 -33.78
N ARG D 148 -37.56 -4.42 -34.24
CA ARG D 148 -38.68 -3.75 -34.88
C ARG D 148 -39.29 -2.73 -33.92
N LYS D 149 -39.46 -3.10 -32.66
CA LYS D 149 -39.95 -2.13 -31.68
C LYS D 149 -39.03 -0.92 -31.60
N TRP D 150 -37.71 -1.14 -31.67
CA TRP D 150 -36.78 -0.03 -31.41
C TRP D 150 -36.60 0.85 -32.64
N GLU D 151 -36.57 0.24 -33.84
CA GLU D 151 -36.62 1.02 -35.07
C GLU D 151 -37.86 1.90 -35.07
N GLU D 152 -39.01 1.33 -34.72
CA GLU D 152 -40.26 2.06 -34.76
C GLU D 152 -40.27 3.21 -33.76
N ALA D 153 -39.51 3.12 -32.68
CA ALA D 153 -39.53 4.15 -31.66
C ALA D 153 -38.37 5.12 -31.76
N GLY D 154 -37.56 5.01 -32.82
CA GLY D 154 -36.40 5.87 -32.98
C GLY D 154 -35.35 5.78 -31.88
N TYR D 155 -35.17 4.60 -31.27
CA TYR D 155 -34.17 4.52 -30.22
C TYR D 155 -32.75 4.67 -30.77
N ALA D 156 -32.47 4.20 -31.98
CA ALA D 156 -31.12 4.41 -32.51
C ALA D 156 -30.77 5.89 -32.60
N GLU D 157 -31.73 6.76 -32.94
CA GLU D 157 -31.39 8.17 -33.04
C GLU D 157 -31.21 8.79 -31.67
N ARG D 158 -31.85 8.23 -30.64
CA ARG D 158 -31.63 8.74 -29.29
C ARG D 158 -30.26 8.33 -28.77
N ASP D 159 -29.78 7.14 -29.17
CA ASP D 159 -28.45 6.71 -28.78
C ASP D 159 -27.38 7.58 -29.43
N ARG D 160 -27.41 7.70 -30.76
CA ARG D 160 -26.38 8.50 -31.42
C ARG D 160 -26.39 9.93 -30.92
N ALA D 161 -27.54 10.42 -30.44
CA ALA D 161 -27.62 11.79 -29.94
C ALA D 161 -26.90 11.93 -28.61
N TYR D 162 -26.89 10.87 -27.81
CA TYR D 162 -26.22 10.83 -26.51
C TYR D 162 -24.74 10.44 -26.64
N LEU D 163 -24.44 9.38 -27.39
CA LEU D 163 -23.05 8.95 -27.49
C LEU D 163 -22.20 9.98 -28.19
N GLU D 164 -22.78 10.77 -29.08
CA GLU D 164 -22.01 11.79 -29.77
C GLU D 164 -22.00 13.10 -29.02
N GLY D 165 -22.84 13.25 -28.00
CA GLY D 165 -22.92 14.50 -27.26
C GLY D 165 -22.73 14.41 -25.76
N GLU D 166 -23.82 14.20 -25.03
CA GLU D 166 -23.76 14.13 -23.58
C GLU D 166 -22.64 13.21 -23.10
N CYS D 167 -22.51 12.03 -23.72
CA CYS D 167 -21.50 11.06 -23.30
C CYS D 167 -20.11 11.66 -23.32
N VAL D 168 -19.68 12.14 -24.49
CA VAL D 168 -18.36 12.79 -24.62
C VAL D 168 -18.21 13.92 -23.62
N GLU D 169 -19.22 14.80 -23.53
CA GLU D 169 -19.16 15.93 -22.61
C GLU D 169 -18.90 15.47 -21.17
N TRP D 170 -19.63 14.44 -20.72
CA TRP D 170 -19.46 13.99 -19.34
C TRP D 170 -18.24 13.11 -19.15
N LEU D 171 -17.76 12.42 -20.19
CA LEU D 171 -16.46 11.77 -20.07
C LEU D 171 -15.37 12.82 -19.84
N LEU D 172 -15.45 13.95 -20.55
CA LEU D 172 -14.47 15.01 -20.33
C LEU D 172 -14.62 15.65 -18.95
N LYS D 173 -15.85 15.84 -18.47
CA LYS D 173 -16.04 16.41 -17.14
C LYS D 173 -15.47 15.51 -16.05
N HIS D 174 -15.80 14.21 -16.10
CA HIS D 174 -15.26 13.27 -15.11
C HIS D 174 -13.74 13.25 -15.09
N LEU D 175 -13.11 13.31 -16.28
CA LEU D 175 -11.66 13.29 -16.32
C LEU D 175 -11.07 14.53 -15.67
N GLU D 176 -11.72 15.70 -15.85
CA GLU D 176 -11.26 16.91 -15.19
C GLU D 176 -11.41 16.81 -13.68
N ASN D 177 -12.60 16.43 -13.21
CA ASN D 177 -12.82 16.27 -11.77
C ASN D 177 -12.07 15.07 -11.19
N GLY D 178 -11.83 14.02 -11.98
CA GLY D 178 -11.14 12.84 -11.52
C GLY D 178 -9.65 12.82 -11.80
N ARG D 179 -9.10 13.93 -12.31
CA ARG D 179 -7.75 13.94 -12.87
C ARG D 179 -6.71 13.18 -12.02
N GLU D 180 -6.67 13.45 -10.72
CA GLU D 180 -5.68 12.79 -9.87
C GLU D 180 -5.81 11.27 -9.93
N THR D 181 -7.04 10.78 -9.86
CA THR D 181 -7.30 9.35 -9.85
C THR D 181 -7.27 8.78 -11.27
N LEU D 182 -7.89 9.49 -12.21
CA LEU D 182 -8.17 8.94 -13.53
C LEU D 182 -7.04 9.10 -14.53
N LEU D 183 -6.24 10.16 -14.43
CA LEU D 183 -5.16 10.40 -15.39
C LEU D 183 -3.81 10.01 -14.82
N ARG D 184 -3.73 8.86 -14.18
CA ARG D 184 -2.50 8.34 -13.63
C ARG D 184 -2.17 7.01 -14.29
N ALA D 185 -1.00 6.50 -13.96
CA ALA D 185 -0.54 5.26 -14.50
C ALA D 185 0.46 4.72 -13.47
N ASP D 186 -0.09 4.23 -12.34
CA ASP D 186 0.73 3.64 -11.28
C ASP D 186 1.45 2.41 -11.82
N PRO D 187 2.76 2.45 -11.97
CA PRO D 187 3.50 1.21 -12.30
C PRO D 187 3.31 0.19 -11.20
N PRO D 188 3.60 -1.08 -11.44
CA PRO D 188 3.43 -2.07 -10.38
C PRO D 188 4.66 -2.18 -9.51
N LYS D 189 4.41 -2.57 -8.26
CA LYS D 189 5.47 -2.99 -7.37
C LYS D 189 5.72 -4.47 -7.65
N THR D 190 6.95 -4.80 -8.03
CA THR D 190 7.29 -6.14 -8.47
C THR D 190 8.29 -6.78 -7.52
N HIS D 191 8.19 -8.10 -7.40
CA HIS D 191 9.19 -8.91 -6.70
C HIS D 191 8.91 -10.38 -7.01
N ILE D 192 9.91 -11.21 -6.77
CA ILE D 192 9.86 -12.66 -7.01
C ILE D 192 9.86 -13.37 -5.67
N THR D 193 8.92 -14.28 -5.48
CA THR D 193 8.96 -15.13 -4.30
C THR D 193 9.34 -16.56 -4.68
N HIS D 194 9.89 -17.28 -3.70
CA HIS D 194 10.58 -18.54 -3.93
C HIS D 194 10.08 -19.54 -2.91
N HIS D 195 9.44 -20.61 -3.39
CA HIS D 195 8.78 -21.58 -2.52
C HIS D 195 9.18 -22.99 -2.95
N PRO D 196 10.08 -23.64 -2.23
CA PRO D 196 10.48 -25.00 -2.62
C PRO D 196 9.32 -25.98 -2.52
N ILE D 197 9.23 -26.89 -3.47
CA ILE D 197 8.18 -27.90 -3.47
C ILE D 197 8.75 -29.19 -2.90
N SER D 198 9.67 -29.80 -3.65
CA SER D 198 10.42 -30.98 -3.25
C SER D 198 11.88 -30.59 -3.11
N ASP D 199 12.70 -31.57 -2.75
CA ASP D 199 14.13 -31.33 -2.64
C ASP D 199 14.75 -30.90 -3.96
N ARG D 200 14.13 -31.24 -5.11
CA ARG D 200 14.72 -30.88 -6.39
C ARG D 200 13.84 -30.01 -7.31
N GLU D 201 12.62 -29.67 -6.91
CA GLU D 201 11.81 -28.69 -7.65
C GLU D 201 11.45 -27.50 -6.75
N VAL D 202 11.28 -26.32 -7.37
CA VAL D 202 10.98 -25.09 -6.64
C VAL D 202 10.07 -24.22 -7.50
N THR D 203 9.17 -23.49 -6.85
CA THR D 203 8.29 -22.55 -7.52
C THR D 203 8.81 -21.14 -7.36
N LEU D 204 8.96 -20.46 -8.49
CA LEU D 204 9.25 -19.04 -8.58
C LEU D 204 7.98 -18.32 -9.02
N ARG D 205 7.61 -17.27 -8.29
CA ARG D 205 6.38 -16.54 -8.55
C ARG D 205 6.71 -15.06 -8.68
N CYS D 206 6.29 -14.46 -9.80
CA CYS D 206 6.59 -13.08 -10.12
C CYS D 206 5.35 -12.20 -9.89
N TRP D 207 5.47 -11.20 -9.00
CA TRP D 207 4.34 -10.44 -8.50
C TRP D 207 4.31 -9.01 -9.07
N ALA D 208 3.14 -8.55 -9.49
CA ALA D 208 2.93 -7.14 -9.82
C ALA D 208 1.77 -6.62 -8.97
N LEU D 209 2.03 -5.69 -8.06
CA LEU D 209 1.02 -5.24 -7.12
C LEU D 209 0.70 -3.75 -7.29
N GLY D 210 -0.53 -3.40 -6.94
CA GLY D 210 -1.03 -2.03 -6.98
C GLY D 210 -0.87 -1.27 -8.28
N PHE D 211 -1.11 -1.91 -9.41
CA PHE D 211 -0.91 -1.14 -10.63
C PHE D 211 -2.25 -0.64 -11.16
N TYR D 212 -2.17 0.32 -12.09
CA TYR D 212 -3.36 0.92 -12.68
C TYR D 212 -2.90 1.65 -13.92
N PRO D 213 -3.61 1.55 -15.06
CA PRO D 213 -4.80 0.71 -15.33
C PRO D 213 -4.58 -0.81 -15.40
N GLU D 214 -5.68 -1.54 -15.71
CA GLU D 214 -5.71 -3.00 -15.56
C GLU D 214 -4.72 -3.69 -16.48
N GLU D 215 -4.47 -3.14 -17.67
CA GLU D 215 -3.66 -3.83 -18.66
C GLU D 215 -2.22 -3.96 -18.20
N ILE D 216 -1.61 -5.10 -18.46
CA ILE D 216 -0.26 -5.42 -17.98
C ILE D 216 0.17 -6.71 -18.65
N THR D 217 1.47 -6.95 -18.70
CA THR D 217 2.02 -8.15 -19.33
C THR D 217 3.06 -8.80 -18.42
N LEU D 218 2.89 -10.09 -18.16
CA LEU D 218 3.77 -10.84 -17.27
C LEU D 218 4.24 -12.10 -17.99
N THR D 219 5.55 -12.24 -18.15
CA THR D 219 6.09 -13.44 -18.77
C THR D 219 7.36 -13.85 -18.05
N TRP D 220 7.51 -15.15 -17.86
CA TRP D 220 8.78 -15.73 -17.49
C TRP D 220 9.59 -16.09 -18.74
N GLN D 221 10.91 -16.15 -18.57
CA GLN D 221 11.82 -16.56 -19.63
C GLN D 221 12.87 -17.50 -19.05
N HIS D 222 13.39 -18.39 -19.89
CA HIS D 222 14.51 -19.27 -19.53
C HIS D 222 15.65 -18.97 -20.50
N ASP D 223 16.61 -18.16 -20.05
CA ASP D 223 17.75 -17.75 -20.86
C ASP D 223 17.30 -17.13 -22.18
N GLY D 224 16.28 -16.28 -22.11
CA GLY D 224 15.80 -15.59 -23.30
C GLY D 224 14.53 -16.20 -23.85
N GLU D 225 14.47 -17.52 -23.93
CA GLU D 225 13.29 -18.17 -24.49
C GLU D 225 12.08 -17.90 -23.60
N ASP D 226 10.96 -17.51 -24.21
CA ASP D 226 9.74 -17.31 -23.43
C ASP D 226 9.20 -18.64 -22.94
N GLN D 227 8.60 -18.61 -21.75
CA GLN D 227 7.98 -19.78 -21.12
C GLN D 227 6.50 -19.56 -20.86
N THR D 228 5.75 -19.10 -21.88
CA THR D 228 4.34 -18.79 -21.67
C THR D 228 3.51 -20.04 -21.41
N GLN D 229 3.76 -21.13 -22.15
CA GLN D 229 2.98 -22.34 -21.94
C GLN D 229 3.40 -23.10 -20.70
N GLU D 230 4.62 -22.88 -20.22
CA GLU D 230 5.11 -23.59 -19.05
C GLU D 230 4.73 -22.93 -17.74
N MET D 231 4.00 -21.80 -17.79
CA MET D 231 3.79 -20.96 -16.62
C MET D 231 2.30 -20.83 -16.30
N GLU D 232 2.00 -20.70 -15.00
CA GLU D 232 0.65 -20.46 -14.51
C GLU D 232 0.46 -18.96 -14.27
N LEU D 233 -0.49 -18.37 -14.97
CA LEU D 233 -0.74 -16.93 -14.96
C LEU D 233 -2.15 -16.70 -14.44
N VAL D 234 -2.27 -16.16 -13.23
CA VAL D 234 -3.60 -15.89 -12.71
C VAL D 234 -4.21 -14.73 -13.45
N GLU D 235 -5.54 -14.67 -13.46
CA GLU D 235 -6.24 -13.52 -14.02
C GLU D 235 -5.98 -12.31 -13.13
N THR D 236 -5.90 -11.14 -13.76
CA THR D 236 -5.76 -9.91 -12.97
C THR D 236 -6.97 -9.73 -12.05
N ARG D 237 -6.69 -9.31 -10.82
CA ARG D 237 -7.68 -9.15 -9.77
C ARG D 237 -7.53 -7.78 -9.12
N PRO D 238 -8.63 -7.19 -8.63
CA PRO D 238 -8.52 -5.87 -7.97
C PRO D 238 -8.09 -6.03 -6.53
N ASP D 239 -7.27 -5.08 -6.06
CA ASP D 239 -6.79 -5.19 -4.69
C ASP D 239 -7.81 -4.64 -3.67
N GLY D 240 -8.85 -3.95 -4.12
CA GLY D 240 -9.87 -3.40 -3.26
C GLY D 240 -9.70 -1.92 -2.96
N ASN D 241 -8.58 -1.35 -3.36
CA ASN D 241 -8.22 0.04 -3.09
C ASN D 241 -8.02 0.81 -4.39
N GLY D 242 -8.69 0.40 -5.46
CA GLY D 242 -8.62 1.12 -6.70
C GLY D 242 -7.53 0.70 -7.66
N ALA D 243 -6.77 -0.36 -7.34
CA ALA D 243 -5.71 -0.84 -8.22
C ALA D 243 -5.88 -2.32 -8.52
N PHE D 244 -4.85 -2.96 -9.05
CA PHE D 244 -4.91 -4.35 -9.48
C PHE D 244 -3.64 -5.09 -9.08
N GLN D 245 -3.69 -6.41 -9.21
CA GLN D 245 -2.56 -7.28 -8.93
C GLN D 245 -2.56 -8.41 -9.95
N LYS D 246 -1.38 -9.00 -10.15
CA LYS D 246 -1.23 -10.18 -11.01
C LYS D 246 0.04 -10.93 -10.61
N TRP D 247 0.01 -12.25 -10.78
CA TRP D 247 1.27 -12.98 -10.66
C TRP D 247 1.39 -14.06 -11.73
N ALA D 248 2.63 -14.49 -11.94
CA ALA D 248 2.96 -15.58 -12.87
C ALA D 248 4.01 -16.46 -12.20
N ALA D 249 3.76 -17.76 -12.11
CA ALA D 249 4.68 -18.72 -11.53
C ALA D 249 5.02 -19.79 -12.53
N LEU D 250 6.23 -20.35 -12.40
CA LEU D 250 6.56 -21.58 -13.09
C LEU D 250 7.50 -22.36 -12.17
N VAL D 251 7.46 -23.70 -12.29
CA VAL D 251 8.31 -24.60 -11.51
C VAL D 251 9.65 -24.78 -12.22
N VAL D 252 10.74 -24.70 -11.48
CA VAL D 252 12.08 -24.76 -12.06
C VAL D 252 12.92 -25.75 -11.25
N PRO D 253 13.98 -26.30 -11.86
CA PRO D 253 14.85 -27.23 -11.12
C PRO D 253 15.55 -26.54 -9.96
N SER D 254 15.92 -27.35 -8.96
CA SER D 254 16.31 -26.84 -7.65
C SER D 254 17.59 -25.99 -7.65
N GLY D 255 18.37 -25.97 -8.72
CA GLY D 255 19.54 -25.11 -8.71
C GLY D 255 19.57 -24.21 -9.91
N GLU D 256 18.47 -24.20 -10.66
CA GLU D 256 18.37 -23.47 -11.90
C GLU D 256 17.75 -22.09 -11.75
N GLU D 257 17.48 -21.67 -10.51
CA GLU D 257 16.68 -20.46 -10.29
C GLU D 257 17.33 -19.24 -10.94
N GLN D 258 18.65 -19.25 -11.10
CA GLN D 258 19.29 -18.09 -11.68
C GLN D 258 19.14 -18.06 -13.19
N ARG D 259 18.70 -19.16 -13.79
CA ARG D 259 18.56 -19.22 -15.22
C ARG D 259 17.25 -18.62 -15.74
N TYR D 260 16.33 -18.23 -14.85
CA TYR D 260 15.02 -17.70 -15.25
C TYR D 260 14.90 -16.21 -14.91
N THR D 261 14.19 -15.48 -15.77
CA THR D 261 13.89 -14.08 -15.52
C THR D 261 12.40 -13.84 -15.73
N CYS D 262 11.88 -12.86 -14.99
CA CYS D 262 10.52 -12.38 -15.16
C CYS D 262 10.53 -11.03 -15.86
N HIS D 263 9.55 -10.80 -16.73
CA HIS D 263 9.48 -9.58 -17.54
C HIS D 263 8.09 -8.97 -17.38
N VAL D 264 8.07 -7.66 -17.17
CA VAL D 264 6.86 -6.94 -16.79
C VAL D 264 6.75 -5.71 -17.68
N GLN D 265 5.58 -5.52 -18.29
CA GLN D 265 5.35 -4.34 -19.11
C GLN D 265 4.07 -3.66 -18.65
N HIS D 266 4.11 -2.33 -18.63
CA HIS D 266 3.01 -1.56 -18.09
C HIS D 266 3.23 -0.10 -18.42
N GLU D 267 2.14 0.66 -18.56
CA GLU D 267 2.23 2.04 -19.03
C GLU D 267 2.99 2.92 -18.04
N GLY D 268 2.75 2.73 -16.74
CA GLY D 268 3.47 3.51 -15.76
C GLY D 268 4.95 3.22 -15.64
N LEU D 269 5.49 2.24 -16.39
CA LEU D 269 6.90 1.92 -16.27
C LEU D 269 7.68 2.63 -17.36
N PRO D 270 8.69 3.45 -17.02
CA PRO D 270 9.57 4.06 -18.04
C PRO D 270 10.12 3.06 -19.03
N GLN D 271 10.57 1.90 -18.56
CA GLN D 271 11.02 0.80 -19.38
C GLN D 271 10.47 -0.48 -18.79
N PRO D 272 10.42 -1.57 -19.57
CA PRO D 272 9.98 -2.87 -19.01
C PRO D 272 10.98 -3.38 -17.99
N LEU D 273 10.48 -4.06 -16.98
CA LEU D 273 11.33 -4.55 -15.92
C LEU D 273 11.81 -5.97 -16.22
N THR D 274 13.03 -6.27 -15.79
CA THR D 274 13.58 -7.62 -15.82
C THR D 274 14.01 -7.97 -14.41
N LEU D 275 13.30 -8.91 -13.77
CA LEU D 275 13.60 -9.38 -12.41
C LEU D 275 14.21 -10.77 -12.47
N ARG D 276 15.21 -10.99 -11.61
CA ARG D 276 15.86 -12.28 -11.48
C ARG D 276 16.02 -12.60 -10.01
N TRP D 277 15.71 -13.82 -9.63
CA TRP D 277 15.97 -14.26 -8.27
C TRP D 277 17.48 -14.45 -8.08
N ILE E 1 -27.24 -20.75 -21.17
CA ILE E 1 -25.80 -20.85 -20.94
C ILE E 1 -25.36 -20.33 -19.53
N GLN E 2 -24.73 -21.21 -18.76
CA GLN E 2 -24.42 -20.97 -17.36
C GLN E 2 -22.94 -21.18 -17.14
N ARG E 3 -22.30 -20.27 -16.42
CA ARG E 3 -20.85 -20.25 -16.26
C ARG E 3 -20.52 -20.37 -14.79
N THR E 4 -19.53 -21.24 -14.46
CA THR E 4 -19.07 -21.50 -13.09
C THR E 4 -18.11 -20.40 -12.63
N PRO E 5 -18.16 -20.00 -11.36
CA PRO E 5 -17.24 -18.97 -10.91
C PRO E 5 -15.81 -19.48 -10.85
N LYS E 6 -14.90 -18.60 -11.25
CA LYS E 6 -13.51 -18.62 -10.83
C LYS E 6 -13.34 -17.85 -9.53
N ILE E 7 -12.43 -18.33 -8.68
CA ILE E 7 -12.25 -17.84 -7.30
C ILE E 7 -10.77 -17.59 -7.03
N GLN E 8 -10.45 -16.43 -6.44
CA GLN E 8 -9.11 -16.16 -5.91
C GLN E 8 -9.25 -15.54 -4.52
N VAL E 9 -8.50 -16.09 -3.57
CA VAL E 9 -8.45 -15.59 -2.20
C VAL E 9 -7.05 -15.06 -1.95
N TYR E 10 -6.98 -13.85 -1.41
CA TYR E 10 -5.72 -13.13 -1.33
C TYR E 10 -5.94 -11.88 -0.48
N SER E 11 -4.83 -11.31 0.00
CA SER E 11 -4.88 -10.08 0.77
C SER E 11 -4.52 -8.87 -0.10
N ARG E 12 -4.92 -7.70 0.37
CA ARG E 12 -4.62 -6.47 -0.36
C ARG E 12 -3.12 -6.22 -0.42
N HIS E 13 -2.51 -6.09 0.74
CA HIS E 13 -1.09 -5.92 1.00
C HIS E 13 -0.47 -7.26 1.35
N PRO E 14 0.86 -7.41 1.16
CA PRO E 14 1.47 -8.71 1.44
C PRO E 14 1.33 -9.05 2.93
N ALA E 15 1.15 -10.34 3.21
CA ALA E 15 0.84 -10.77 4.56
C ALA E 15 1.97 -10.44 5.52
N GLU E 16 1.61 -9.81 6.64
CA GLU E 16 2.54 -9.46 7.72
C GLU E 16 1.79 -9.68 9.05
N ASN E 17 1.93 -10.90 9.59
CA ASN E 17 1.39 -11.28 10.88
C ASN E 17 1.34 -10.12 11.85
N GLY E 18 0.16 -9.82 12.39
CA GLY E 18 -0.04 -8.75 13.35
C GLY E 18 -0.43 -7.42 12.75
N LYS E 19 -0.11 -7.16 11.50
CA LYS E 19 -0.50 -5.88 10.92
C LYS E 19 -1.84 -5.99 10.17
N SER E 20 -2.63 -4.90 10.25
CA SER E 20 -3.96 -4.89 9.66
C SER E 20 -3.84 -5.00 8.15
N ASN E 21 -4.76 -5.77 7.55
CA ASN E 21 -4.78 -6.00 6.11
C ASN E 21 -6.25 -5.98 5.69
N PHE E 22 -6.51 -6.30 4.42
CA PHE E 22 -7.84 -6.60 3.91
C PHE E 22 -7.82 -7.96 3.24
N LEU E 23 -8.73 -8.83 3.65
CA LEU E 23 -8.83 -10.17 3.09
C LEU E 23 -9.84 -10.14 1.93
N ASN E 24 -9.39 -10.51 0.74
CA ASN E 24 -10.20 -10.46 -0.47
C ASN E 24 -10.52 -11.86 -0.98
N CYS E 25 -11.72 -12.00 -1.53
CA CYS E 25 -12.12 -13.14 -2.31
C CYS E 25 -12.76 -12.58 -3.58
N TYR E 26 -12.12 -12.85 -4.71
CA TYR E 26 -12.57 -12.31 -6.00
C TYR E 26 -13.20 -13.46 -6.79
N VAL E 27 -14.49 -13.33 -7.09
CA VAL E 27 -15.20 -14.32 -7.87
C VAL E 27 -15.55 -13.69 -9.23
N SER E 28 -15.20 -14.39 -10.31
CA SER E 28 -15.35 -13.78 -11.62
C SER E 28 -15.81 -14.83 -12.61
N GLY E 29 -16.18 -14.37 -13.81
CA GLY E 29 -16.46 -15.27 -14.92
C GLY E 29 -17.72 -16.11 -14.78
N PHE E 30 -18.65 -15.73 -13.91
CA PHE E 30 -19.82 -16.56 -13.71
C PHE E 30 -21.07 -15.94 -14.35
N HIS E 31 -22.09 -16.80 -14.51
CA HIS E 31 -23.43 -16.45 -15.01
C HIS E 31 -24.37 -17.58 -14.61
N PRO E 32 -25.57 -17.29 -14.10
CA PRO E 32 -26.22 -16.00 -13.84
C PRO E 32 -25.69 -15.30 -12.58
N SER E 33 -26.23 -14.12 -12.27
CA SER E 33 -25.54 -13.23 -11.35
C SER E 33 -25.68 -13.61 -9.89
N ASP E 34 -26.75 -14.32 -9.50
CA ASP E 34 -26.91 -14.68 -8.10
C ASP E 34 -25.82 -15.64 -7.66
N ILE E 35 -25.13 -15.29 -6.59
CA ILE E 35 -23.96 -16.01 -6.11
C ILE E 35 -23.90 -15.80 -4.61
N GLU E 36 -23.33 -16.76 -3.92
CA GLU E 36 -23.33 -16.79 -2.46
C GLU E 36 -21.89 -16.95 -2.04
N VAL E 37 -21.37 -15.96 -1.32
CA VAL E 37 -19.94 -15.86 -1.04
C VAL E 37 -19.74 -15.52 0.44
N ASP E 38 -18.92 -16.32 1.12
CA ASP E 38 -18.63 -16.09 2.53
C ASP E 38 -17.13 -16.20 2.77
N LEU E 39 -16.65 -15.45 3.77
CA LEU E 39 -15.28 -15.53 4.24
C LEU E 39 -15.27 -16.22 5.60
N LEU E 40 -14.38 -17.20 5.76
CA LEU E 40 -14.33 -18.04 6.93
C LEU E 40 -13.01 -17.83 7.67
N LYS E 41 -13.09 -17.65 9.00
CA LYS E 41 -11.93 -17.68 9.89
C LYS E 41 -12.01 -18.96 10.71
N ASN E 42 -11.02 -19.84 10.54
CA ASN E 42 -10.98 -21.16 11.19
C ASN E 42 -12.29 -21.94 10.98
N GLY E 43 -12.85 -21.84 9.80
CA GLY E 43 -14.06 -22.55 9.47
C GLY E 43 -15.34 -21.86 9.88
N GLU E 44 -15.26 -20.63 10.41
CA GLU E 44 -16.44 -19.93 10.88
C GLU E 44 -16.67 -18.68 10.04
N ARG E 45 -17.91 -18.48 9.64
CA ARG E 45 -18.24 -17.34 8.79
C ARG E 45 -17.92 -16.02 9.52
N ILE E 46 -17.33 -15.09 8.78
CA ILE E 46 -17.08 -13.73 9.25
C ILE E 46 -18.25 -12.85 8.85
N GLU E 47 -18.80 -12.12 9.81
CA GLU E 47 -20.09 -11.47 9.60
C GLU E 47 -19.95 -10.10 8.95
N LYS E 48 -18.98 -9.30 9.37
CA LYS E 48 -18.80 -7.97 8.80
C LYS E 48 -18.04 -8.11 7.48
N VAL E 49 -18.75 -8.54 6.45
CA VAL E 49 -18.17 -8.73 5.13
C VAL E 49 -18.94 -7.85 4.16
N GLU E 50 -18.21 -7.26 3.22
CA GLU E 50 -18.81 -6.39 2.25
C GLU E 50 -18.37 -6.83 0.86
N HIS E 51 -18.88 -6.16 -0.17
CA HIS E 51 -18.61 -6.61 -1.52
C HIS E 51 -18.90 -5.48 -2.49
N SER E 52 -18.13 -5.45 -3.59
CA SER E 52 -18.29 -4.41 -4.60
C SER E 52 -19.64 -4.55 -5.30
N ASP E 53 -19.99 -3.53 -6.08
CA ASP E 53 -21.23 -3.54 -6.85
C ASP E 53 -21.10 -4.40 -8.10
N LEU E 54 -22.20 -5.05 -8.47
CA LEU E 54 -22.20 -6.05 -9.54
C LEU E 54 -21.85 -5.44 -10.88
N SER E 55 -20.91 -6.07 -11.57
CA SER E 55 -20.46 -5.62 -12.88
C SER E 55 -20.12 -6.86 -13.70
N PHE E 56 -19.76 -6.66 -14.97
CA PHE E 56 -19.47 -7.80 -15.84
C PHE E 56 -18.40 -7.44 -16.86
N SER E 57 -17.82 -8.49 -17.46
CA SER E 57 -16.72 -8.34 -18.40
C SER E 57 -17.22 -8.46 -19.84
N LYS E 58 -16.29 -8.27 -20.79
CA LYS E 58 -16.62 -8.21 -22.20
C LYS E 58 -17.47 -9.40 -22.65
N ASP E 59 -17.31 -10.56 -22.03
CA ASP E 59 -18.06 -11.74 -22.44
C ASP E 59 -19.35 -11.92 -21.62
N TRP E 60 -19.81 -10.86 -20.95
CA TRP E 60 -21.04 -10.72 -20.16
C TRP E 60 -21.01 -11.46 -18.83
N SER E 61 -19.96 -12.20 -18.49
CA SER E 61 -19.93 -12.84 -17.19
C SER E 61 -19.59 -11.83 -16.08
N PHE E 62 -20.02 -12.15 -14.86
CA PHE E 62 -20.01 -11.21 -13.74
C PHE E 62 -18.74 -11.33 -12.89
N TYR E 63 -18.41 -10.23 -12.19
CA TYR E 63 -17.39 -10.31 -11.15
C TYR E 63 -17.80 -9.50 -9.92
N LEU E 64 -17.33 -9.94 -8.75
CA LEU E 64 -17.55 -9.27 -7.47
C LEU E 64 -16.32 -9.39 -6.59
N LEU E 65 -16.05 -8.35 -5.82
CA LEU E 65 -14.98 -8.42 -4.83
C LEU E 65 -15.64 -8.48 -3.45
N TYR E 66 -15.38 -9.57 -2.74
CA TYR E 66 -15.75 -9.71 -1.34
C TYR E 66 -14.51 -9.49 -0.48
N TYR E 67 -14.65 -8.68 0.59
CA TYR E 67 -13.50 -8.29 1.39
C TYR E 67 -13.92 -8.00 2.83
N THR E 68 -13.02 -8.32 3.76
CA THR E 68 -13.14 -7.84 5.13
C THR E 68 -11.78 -7.44 5.66
N GLU E 69 -11.78 -6.46 6.56
CA GLU E 69 -10.56 -6.03 7.23
C GLU E 69 -10.15 -7.06 8.27
N PHE E 70 -8.88 -7.48 8.25
CA PHE E 70 -8.44 -8.55 9.13
C PHE E 70 -6.98 -8.34 9.51
N THR E 71 -6.54 -9.06 10.55
CA THR E 71 -5.16 -9.04 11.04
C THR E 71 -4.60 -10.45 10.97
N PRO E 72 -3.78 -10.75 9.97
CA PRO E 72 -3.31 -12.13 9.81
C PRO E 72 -2.39 -12.52 10.94
N THR E 73 -2.56 -13.74 11.43
CA THR E 73 -1.61 -14.36 12.33
C THR E 73 -0.98 -15.55 11.61
N GLU E 74 -0.14 -16.28 12.34
CA GLU E 74 0.44 -17.46 11.72
C GLU E 74 -0.51 -18.65 11.83
N LYS E 75 -1.25 -18.76 12.93
CA LYS E 75 -2.06 -19.94 13.13
C LYS E 75 -3.47 -19.82 12.58
N ASP E 76 -3.96 -18.60 12.34
CA ASP E 76 -5.34 -18.37 11.94
C ASP E 76 -5.53 -18.74 10.48
N GLU E 77 -6.47 -19.65 10.22
CA GLU E 77 -6.79 -20.10 8.87
C GLU E 77 -7.97 -19.32 8.31
N TYR E 78 -7.79 -18.73 7.14
CA TYR E 78 -8.85 -18.05 6.41
C TYR E 78 -9.17 -18.81 5.13
N ALA E 79 -10.42 -18.71 4.68
CA ALA E 79 -10.84 -19.33 3.42
C ALA E 79 -12.06 -18.60 2.87
N CYS E 80 -12.42 -18.96 1.64
CA CYS E 80 -13.55 -18.36 0.94
C CYS E 80 -14.48 -19.46 0.43
N ARG E 81 -15.74 -19.37 0.80
CA ARG E 81 -16.76 -20.33 0.42
C ARG E 81 -17.67 -19.71 -0.64
N VAL E 82 -17.94 -20.46 -1.71
CA VAL E 82 -18.74 -19.95 -2.83
C VAL E 82 -19.75 -21.01 -3.23
N ASN E 83 -21.04 -20.64 -3.26
CA ASN E 83 -22.07 -21.46 -3.86
C ASN E 83 -22.63 -20.74 -5.08
N HIS E 84 -22.98 -21.54 -6.10
CA HIS E 84 -23.54 -21.03 -7.34
C HIS E 84 -24.37 -22.16 -7.92
N VAL E 85 -25.33 -21.79 -8.78
CA VAL E 85 -26.23 -22.81 -9.29
C VAL E 85 -25.46 -23.80 -10.17
N THR E 86 -24.40 -23.35 -10.82
CA THR E 86 -23.48 -24.24 -11.52
C THR E 86 -22.68 -25.13 -10.58
N LEU E 87 -22.78 -24.94 -9.26
CA LEU E 87 -21.99 -25.70 -8.31
C LEU E 87 -22.91 -26.65 -7.57
N SER E 88 -22.68 -27.97 -7.75
CA SER E 88 -23.49 -28.97 -7.04
C SER E 88 -23.18 -28.92 -5.59
N GLN E 89 -21.98 -28.46 -5.29
CA GLN E 89 -21.46 -28.40 -3.96
C GLN E 89 -20.61 -27.14 -3.81
N PRO E 90 -20.60 -26.53 -2.62
CA PRO E 90 -19.81 -25.33 -2.44
C PRO E 90 -18.32 -25.60 -2.61
N LYS E 91 -17.63 -24.63 -3.17
CA LYS E 91 -16.18 -24.68 -3.28
C LYS E 91 -15.60 -23.82 -2.18
N ILE E 92 -14.60 -24.37 -1.49
CA ILE E 92 -13.92 -23.67 -0.40
C ILE E 92 -12.46 -23.58 -0.78
N VAL E 93 -11.97 -22.35 -0.92
CA VAL E 93 -10.60 -22.06 -1.34
C VAL E 93 -9.88 -21.50 -0.13
N LYS E 94 -8.91 -22.25 0.39
CA LYS E 94 -8.13 -21.78 1.54
C LYS E 94 -7.29 -20.59 1.11
N TRP E 95 -7.08 -19.67 2.05
CA TRP E 95 -6.21 -18.54 1.79
C TRP E 95 -4.77 -18.98 1.88
N ASP E 96 -3.96 -18.50 0.95
CA ASP E 96 -2.54 -18.81 0.93
C ASP E 96 -1.79 -17.51 0.80
N ARG E 97 -0.98 -17.17 1.81
CA ARG E 97 -0.27 -15.89 1.80
C ARG E 97 0.80 -15.85 0.74
N ASP E 98 1.18 -17.00 0.18
CA ASP E 98 2.14 -17.04 -0.92
C ASP E 98 1.46 -16.96 -2.28
N MET E 99 0.13 -16.82 -2.31
CA MET E 99 -0.58 -16.81 -3.58
C MET E 99 -1.48 -15.58 -3.70
N ASP F 1 -24.81 9.56 -19.05
CA ASP F 1 -25.82 9.77 -18.03
C ASP F 1 -26.87 8.66 -18.04
N PHE F 2 -27.44 8.37 -16.88
CA PHE F 2 -28.45 7.33 -16.76
C PHE F 2 -29.63 7.60 -17.70
N PRO F 9 -36.80 -4.15 -23.81
CA PRO F 9 -36.75 -4.98 -25.02
C PRO F 9 -38.09 -5.48 -25.52
#